data_1IZ1
#
_entry.id   1IZ1
#
_cell.length_a   65.271
_cell.length_b   124.477
_cell.length_c   166.818
_cell.angle_alpha   90.00
_cell.angle_beta   90.00
_cell.angle_gamma   90.00
#
_symmetry.space_group_name_H-M   'P 21 21 21'
#
loop_
_entity.id
_entity.type
_entity.pdbx_description
1 polymer 'LysR-type regulatory protein'
2 water water
#
_entity_poly.entity_id   1
_entity_poly.type   'polypeptide(L)'
_entity_poly.pdbx_seq_one_letter_code
;MEFRQLKYFIAVAEAGNMAAAAKRLHVSQPPITRQMQALEADLGVVLLERSHRGIELTAAGHAFLEDARRILELAGRSGD
RSRAAARGDVGELSVAYFGTPIYRSLPLLLRAFLTSTPTATVSLTHMTKDEQVEGLLAGTIHVGFSRFFPRHPGIEIVNI
AQEDLYLAVHRSQSGKFGKTCKLADLRAVELTLFPRGGRPSFADEVIGLFKHAGIEPRIARVVEDATAALALTMAGAASS
IVPASVAAIRWPDIAFARIVGTRVKVPISCIFRKEKQPPILARFVEHVRRSAKD
;
_entity_poly.pdbx_strand_id   A,B,P,Q
#
# COMPACT_ATOMS: atom_id res chain seq x y z
N MET A 1 -10.50 -9.28 36.22
CA MET A 1 -11.02 -8.22 35.33
C MET A 1 -12.12 -7.44 35.99
N GLU A 2 -11.99 -6.12 35.92
CA GLU A 2 -13.04 -5.18 36.32
C GLU A 2 -13.14 -4.09 35.23
N PHE A 3 -14.30 -3.46 35.10
CA PHE A 3 -14.46 -2.37 34.12
C PHE A 3 -13.55 -1.17 34.35
N ARG A 4 -13.21 -0.86 35.59
CA ARG A 4 -12.30 0.25 35.86
C ARG A 4 -10.90 -0.06 35.30
N GLN A 5 -10.47 -1.31 35.46
CA GLN A 5 -9.17 -1.77 34.96
C GLN A 5 -9.10 -1.61 33.44
N LEU A 6 -10.11 -2.09 32.73
CA LEU A 6 -10.19 -1.95 31.29
C LEU A 6 -10.06 -0.50 30.87
N LYS A 7 -10.80 0.33 31.58
CA LYS A 7 -10.91 1.73 31.29
C LYS A 7 -9.57 2.45 31.53
N TYR A 8 -8.89 2.13 32.62
CA TYR A 8 -7.60 2.73 32.96
C TYR A 8 -6.51 2.24 32.03
N PHE A 9 -6.64 0.98 31.58
CA PHE A 9 -5.71 0.39 30.66
C PHE A 9 -5.78 1.11 29.35
N ILE A 10 -6.98 1.28 28.84
CA ILE A 10 -7.14 2.02 27.60
C ILE A 10 -6.48 3.36 27.73
N ALA A 11 -6.74 4.06 28.82
CA ALA A 11 -6.22 5.40 28.98
C ALA A 11 -4.68 5.39 28.96
N VAL A 12 -4.07 4.51 29.73
CA VAL A 12 -2.61 4.38 29.74
C VAL A 12 -2.03 4.06 28.33
N ALA A 13 -2.76 3.26 27.54
CA ALA A 13 -2.33 2.80 26.23
C ALA A 13 -2.34 3.91 25.19
N GLU A 14 -3.39 4.75 25.23
CA GLU A 14 -3.58 5.86 24.28
C GLU A 14 -2.64 7.00 24.64
N ALA A 15 -2.61 7.36 25.91
CA ALA A 15 -1.81 8.45 26.41
C ALA A 15 -0.29 8.20 26.36
N GLY A 16 0.14 6.95 26.46
CA GLY A 16 1.55 6.61 26.37
C GLY A 16 2.51 6.93 27.53
N ASN A 17 2.07 7.63 28.57
CA ASN A 17 2.93 7.90 29.75
C ASN A 17 2.10 8.21 30.95
N MET A 18 2.61 7.95 32.13
CA MET A 18 1.80 8.01 33.32
C MET A 18 1.26 9.40 33.60
N ALA A 19 2.08 10.43 33.44
CA ALA A 19 1.61 11.78 33.69
C ALA A 19 0.39 12.13 32.83
N ALA A 20 0.40 11.72 31.55
CA ALA A 20 -0.67 12.08 30.64
C ALA A 20 -1.94 11.28 30.93
N ALA A 21 -1.76 10.01 31.27
CA ALA A 21 -2.86 9.15 31.69
C ALA A 21 -3.51 9.58 33.01
N ALA A 22 -2.74 10.03 33.98
CA ALA A 22 -3.27 10.61 35.21
C ALA A 22 -4.10 11.89 34.98
N LYS A 23 -3.65 12.77 34.07
CA LYS A 23 -4.35 14.02 33.77
C LYS A 23 -5.70 13.74 33.11
N ARG A 24 -5.76 12.64 32.37
CA ARG A 24 -6.92 12.31 31.57
C ARG A 24 -7.97 11.50 32.33
N LEU A 25 -7.61 10.93 33.47
CA LEU A 25 -8.55 10.20 34.31
C LEU A 25 -8.81 10.94 35.62
N HIS A 26 -8.26 12.14 35.77
CA HIS A 26 -8.52 12.96 36.95
C HIS A 26 -8.27 12.15 38.23
N VAL A 27 -7.22 11.35 38.17
CA VAL A 27 -6.79 10.49 39.26
C VAL A 27 -5.26 10.64 39.33
N SER A 28 -4.69 10.26 40.46
CA SER A 28 -3.24 10.32 40.70
C SER A 28 -2.54 9.12 40.03
N GLN A 29 -1.22 8.98 40.19
CA GLN A 29 -0.46 7.96 39.50
C GLN A 29 -0.53 6.54 40.14
N PRO A 30 -0.27 6.39 41.44
CA PRO A 30 -0.31 5.06 42.07
C PRO A 30 -1.62 4.21 41.97
N PRO A 31 -2.83 4.75 42.03
CA PRO A 31 -4.04 3.97 41.72
C PRO A 31 -4.07 3.33 40.32
N ILE A 32 -3.47 4.02 39.33
CA ILE A 32 -3.36 3.50 37.96
C ILE A 32 -2.44 2.32 37.95
N THR A 33 -1.25 2.50 38.50
CA THR A 33 -0.29 1.42 38.67
C THR A 33 -0.93 0.22 39.35
N ARG A 34 -1.74 0.46 40.38
CA ARG A 34 -2.36 -0.63 41.13
C ARG A 34 -3.34 -1.34 40.27
N GLN A 35 -4.10 -0.57 39.50
CA GLN A 35 -5.15 -1.14 38.71
C GLN A 35 -4.55 -1.95 37.60
N MET A 36 -3.39 -1.52 37.09
CA MET A 36 -2.69 -2.24 36.01
C MET A 36 -1.96 -3.48 36.51
N GLN A 37 -1.46 -3.42 37.74
CA GLN A 37 -0.86 -4.57 38.40
C GLN A 37 -1.93 -5.59 38.65
N ALA A 38 -3.06 -5.13 39.17
CA ALA A 38 -4.24 -5.97 39.36
C ALA A 38 -4.73 -6.64 38.06
N LEU A 39 -4.72 -5.90 36.96
CA LEU A 39 -5.20 -6.41 35.67
C LEU A 39 -4.28 -7.48 35.12
N GLU A 40 -2.97 -7.25 35.22
CA GLU A 40 -1.98 -8.18 34.71
C GLU A 40 -1.95 -9.46 35.55
N ALA A 41 -2.19 -9.35 36.86
CA ALA A 41 -2.23 -10.53 37.74
C ALA A 41 -3.50 -11.38 37.58
N ASP A 42 -4.58 -10.78 37.08
CA ASP A 42 -5.83 -11.49 36.86
C ASP A 42 -5.76 -12.23 35.52
N LEU A 43 -5.27 -11.53 34.51
CA LEU A 43 -5.10 -12.10 33.18
C LEU A 43 -3.92 -13.01 33.09
N GLY A 44 -2.95 -12.79 33.96
CA GLY A 44 -1.74 -13.58 33.95
C GLY A 44 -0.82 -13.24 32.79
N VAL A 45 -0.82 -11.98 32.35
CA VAL A 45 0.10 -11.53 31.33
C VAL A 45 0.58 -10.15 31.65
N VAL A 46 1.79 -9.85 31.22
CA VAL A 46 2.27 -8.49 31.24
C VAL A 46 1.73 -7.78 29.98
N LEU A 47 0.84 -6.79 30.20
CA LEU A 47 0.24 -6.02 29.13
C LEU A 47 1.12 -4.84 28.78
N LEU A 48 1.85 -4.33 29.75
CA LEU A 48 2.71 -3.20 29.48
C LEU A 48 3.87 -3.07 30.45
N GLU A 49 4.84 -2.26 30.02
CA GLU A 49 6.10 -2.06 30.71
C GLU A 49 6.47 -0.61 30.69
N ARG A 50 7.09 -0.15 31.77
CA ARG A 50 7.41 1.25 31.94
C ARG A 50 8.89 1.38 32.03
N SER A 51 9.44 2.29 31.22
CA SER A 51 10.85 2.64 31.28
C SER A 51 10.96 4.16 31.23
N HIS A 52 12.19 4.63 31.02
CA HIS A 52 12.46 6.03 30.72
C HIS A 52 11.87 6.42 29.36
N ARG A 53 11.70 5.46 28.44
CA ARG A 53 10.96 5.64 27.18
C ARG A 53 9.42 5.63 27.36
N GLY A 54 8.91 5.78 28.59
CA GLY A 54 7.49 5.78 28.86
C GLY A 54 6.81 4.43 28.91
N ILE A 55 5.49 4.41 28.69
CA ILE A 55 4.75 3.17 28.51
C ILE A 55 4.87 2.59 27.10
N GLU A 56 5.13 1.28 27.07
CA GLU A 56 5.21 0.50 25.85
C GLU A 56 4.37 -0.73 26.10
N LEU A 57 3.31 -0.91 25.31
CA LEU A 57 2.55 -2.15 25.38
C LEU A 57 3.35 -3.33 24.85
N THR A 58 3.09 -4.49 25.42
CA THR A 58 3.58 -5.75 24.89
C THR A 58 2.58 -6.19 23.81
N ALA A 59 2.90 -7.30 23.14
CA ALA A 59 2.00 -7.83 22.12
C ALA A 59 0.67 -8.25 22.69
N ALA A 60 0.72 -8.80 23.90
CA ALA A 60 -0.50 -9.18 24.60
C ALA A 60 -1.33 -7.94 24.97
N GLY A 61 -0.67 -6.85 25.35
CA GLY A 61 -1.32 -5.55 25.57
C GLY A 61 -2.07 -4.99 24.36
N HIS A 62 -1.41 -4.95 23.20
CA HIS A 62 -2.06 -4.61 21.93
C HIS A 62 -3.24 -5.52 21.62
N ALA A 63 -3.11 -6.81 21.91
CA ALA A 63 -4.21 -7.72 21.67
C ALA A 63 -5.38 -7.39 22.59
N PHE A 64 -5.07 -7.07 23.84
CA PHE A 64 -6.14 -6.83 24.83
C PHE A 64 -6.79 -5.48 24.66
N LEU A 65 -6.01 -4.46 24.31
CA LEU A 65 -6.50 -3.10 24.07
C LEU A 65 -7.72 -3.10 23.15
N GLU A 66 -7.57 -3.79 22.03
CA GLU A 66 -8.60 -3.91 21.01
C GLU A 66 -9.87 -4.56 21.56
N ASP A 67 -9.72 -5.59 22.40
CA ASP A 67 -10.86 -6.27 22.99
C ASP A 67 -11.48 -5.48 24.15
N ALA A 68 -10.63 -4.82 24.94
CA ALA A 68 -11.09 -4.00 26.06
C ALA A 68 -11.99 -2.82 25.66
N ARG A 69 -11.73 -2.24 24.50
CA ARG A 69 -12.64 -1.25 23.93
C ARG A 69 -14.00 -1.85 23.62
N ARG A 70 -14.00 -3.00 22.97
CA ARG A 70 -15.24 -3.72 22.64
C ARG A 70 -16.04 -4.13 23.88
N ILE A 71 -15.35 -4.58 24.94
CA ILE A 71 -16.00 -5.02 26.19
C ILE A 71 -16.78 -3.88 26.83
N LEU A 72 -16.18 -2.69 26.87
CA LEU A 72 -16.82 -1.52 27.47
C LEU A 72 -18.01 -1.03 26.64
N GLU A 73 -17.85 -1.09 25.32
CA GLU A 73 -18.86 -0.65 24.39
C GLU A 73 -20.10 -1.51 24.56
N LEU A 74 -19.89 -2.82 24.67
CA LEU A 74 -20.99 -3.75 24.82
C LEU A 74 -21.65 -3.61 26.18
N ALA A 75 -20.84 -3.42 27.22
CA ALA A 75 -21.37 -3.18 28.55
C ALA A 75 -22.29 -1.96 28.52
N GLY A 76 -21.76 -0.83 28.06
CA GLY A 76 -22.50 0.44 28.05
C GLY A 76 -23.91 0.42 27.46
N ARG A 77 -24.20 -0.53 26.58
CA ARG A 77 -25.52 -0.67 25.97
C ARG A 77 -26.52 -1.39 26.84
N SER A 78 -26.03 -2.35 27.63
CA SER A 78 -26.90 -3.21 28.41
C SER A 78 -27.85 -2.39 29.26
N GLY A 79 -27.42 -1.21 29.68
CA GLY A 79 -28.31 -0.29 30.37
C GLY A 79 -29.57 -0.06 29.55
N ASP A 80 -29.46 0.75 28.49
CA ASP A 80 -30.65 1.15 27.74
C ASP A 80 -31.36 -0.02 27.02
N ARG A 81 -30.62 -1.08 26.71
CA ARG A 81 -31.23 -2.30 26.14
C ARG A 81 -32.13 -3.04 27.12
N SER A 82 -31.77 -3.05 28.40
CA SER A 82 -32.60 -3.67 29.44
C SER A 82 -33.72 -2.73 29.80
N ARG A 83 -33.35 -1.46 29.77
CA ARG A 83 -34.28 -0.35 29.97
C ARG A 83 -35.22 -0.13 28.78
N ALA A 84 -35.17 -1.01 27.78
CA ALA A 84 -36.01 -0.94 26.60
C ALA A 84 -36.90 -2.16 26.49
N ALA A 85 -36.35 -3.32 26.83
CA ALA A 85 -37.15 -4.55 26.95
C ALA A 85 -38.23 -4.39 28.02
N ALA A 86 -37.93 -3.59 29.05
CA ALA A 86 -38.90 -3.23 30.08
C ALA A 86 -40.05 -2.40 29.50
N ARG A 87 -39.73 -1.41 28.69
CA ARG A 87 -40.76 -0.57 28.06
C ARG A 87 -41.65 -1.28 27.03
N GLY A 88 -41.35 -2.54 26.69
CA GLY A 88 -42.01 -3.19 25.56
C GLY A 88 -41.32 -2.90 24.21
N ASP A 89 -40.53 -1.81 24.15
CA ASP A 89 -39.80 -1.39 22.93
C ASP A 89 -38.83 -2.45 22.41
N VAL A 90 -38.66 -2.42 21.08
CA VAL A 90 -37.70 -3.25 20.34
C VAL A 90 -36.21 -2.83 20.53
N GLY A 91 -35.95 -1.58 20.90
CA GLY A 91 -34.59 -1.13 21.20
C GLY A 91 -33.71 -0.88 19.98
N GLU A 92 -32.40 -0.77 20.22
CA GLU A 92 -31.47 -0.23 19.22
C GLU A 92 -30.68 -1.23 18.37
N LEU A 93 -30.80 -1.05 17.06
CA LEU A 93 -30.09 -1.82 16.03
C LEU A 93 -28.72 -1.19 15.78
N SER A 94 -27.66 -1.94 16.00
CA SER A 94 -26.32 -1.36 15.88
C SER A 94 -25.77 -1.82 14.55
N VAL A 95 -25.48 -0.85 13.68
CA VAL A 95 -25.16 -1.12 12.28
C VAL A 95 -23.81 -0.59 11.99
N ALA A 96 -23.02 -1.38 11.26
CA ALA A 96 -21.78 -0.93 10.62
C ALA A 96 -21.93 -0.71 9.13
N TYR A 97 -20.96 -0.01 8.53
CA TYR A 97 -20.93 0.19 7.08
C TYR A 97 -19.52 0.38 6.51
N PHE A 98 -19.32 -0.06 5.27
CA PHE A 98 -18.10 0.22 4.53
C PHE A 98 -18.51 0.52 3.10
N GLY A 99 -17.80 1.47 2.47
CA GLY A 99 -18.06 1.87 1.08
C GLY A 99 -19.24 2.82 0.91
N THR A 100 -19.69 2.94 -0.33
CA THR A 100 -20.67 3.97 -0.69
C THR A 100 -22.18 3.74 -0.45
N PRO A 101 -22.66 2.54 -0.05
CA PRO A 101 -24.05 2.42 0.41
C PRO A 101 -24.47 3.52 1.40
N ILE A 102 -23.52 4.03 2.18
CA ILE A 102 -23.82 5.10 3.13
C ILE A 102 -24.37 6.36 2.52
N TYR A 103 -24.01 6.65 1.29
CA TYR A 103 -24.48 7.87 0.60
C TYR A 103 -25.98 7.90 0.31
N ARG A 104 -26.66 6.75 0.19
CA ARG A 104 -28.11 6.73 -0.06
C ARG A 104 -28.84 5.37 0.05
N SER A 105 -28.29 4.28 -0.49
CA SER A 105 -29.05 3.04 -0.58
C SER A 105 -29.33 2.49 0.82
N LEU A 106 -28.31 2.55 1.67
CA LEU A 106 -28.42 2.14 3.08
C LEU A 106 -29.39 3.05 3.89
N PRO A 107 -29.15 4.35 3.97
CA PRO A 107 -30.15 5.26 4.55
C PRO A 107 -31.59 4.98 4.11
N LEU A 108 -31.91 4.75 2.84
CA LEU A 108 -33.28 4.39 2.44
C LEU A 108 -33.80 3.09 3.09
N LEU A 109 -32.95 2.08 3.12
CA LEU A 109 -33.28 0.84 3.75
C LEU A 109 -33.52 1.00 5.24
N LEU A 110 -32.64 1.72 5.92
CA LEU A 110 -32.82 1.99 7.36
C LEU A 110 -34.11 2.76 7.62
N ARG A 111 -34.42 3.68 6.75
CA ARG A 111 -35.63 4.46 6.83
C ARG A 111 -36.83 3.57 6.76
N ALA A 112 -36.81 2.63 5.81
CA ALA A 112 -37.92 1.70 5.60
C ALA A 112 -38.08 0.82 6.83
N PHE A 113 -36.96 0.41 7.41
CA PHE A 113 -37.00 -0.35 8.64
C PHE A 113 -37.59 0.46 9.80
N LEU A 114 -37.08 1.66 10.02
CA LEU A 114 -37.53 2.48 11.15
C LEU A 114 -39.00 2.85 11.04
N THR A 115 -39.48 2.98 9.82
CA THR A 115 -40.80 3.53 9.55
C THR A 115 -41.89 2.48 9.82
N SER A 116 -41.53 1.20 9.78
CA SER A 116 -42.48 0.10 9.98
C SER A 116 -42.30 -0.58 11.36
N THR A 117 -41.37 -0.03 12.14
CA THR A 117 -40.87 -0.64 13.38
C THR A 117 -40.56 0.51 14.30
N PRO A 118 -41.59 1.26 14.72
CA PRO A 118 -41.40 2.64 15.24
C PRO A 118 -40.78 2.79 16.66
N THR A 119 -40.76 1.71 17.44
CA THR A 119 -40.03 1.73 18.72
C THR A 119 -38.53 1.39 18.55
N ALA A 120 -38.13 1.08 17.32
CA ALA A 120 -36.73 0.89 16.98
C ALA A 120 -35.97 2.19 16.79
N THR A 121 -34.72 2.18 17.23
CA THR A 121 -33.76 3.21 16.90
C THR A 121 -32.59 2.53 16.20
N VAL A 122 -31.69 3.33 15.64
CA VAL A 122 -30.50 2.82 14.97
C VAL A 122 -29.27 3.62 15.34
N SER A 123 -28.12 2.94 15.41
CA SER A 123 -26.80 3.58 15.44
C SER A 123 -25.98 3.14 14.23
N LEU A 124 -25.00 3.94 13.82
CA LEU A 124 -24.23 3.65 12.58
C LEU A 124 -22.72 3.89 12.76
N THR A 125 -21.89 2.91 12.46
CA THR A 125 -20.44 3.05 12.59
C THR A 125 -19.71 2.58 11.35
N HIS A 126 -18.84 3.42 10.80
CA HIS A 126 -17.85 2.96 9.80
C HIS A 126 -16.95 1.85 10.37
N MET A 127 -16.80 0.80 9.59
CA MET A 127 -15.94 -0.31 9.94
C MET A 127 -15.52 -1.00 8.66
N THR A 128 -14.21 -1.27 8.53
CA THR A 128 -13.69 -2.18 7.50
C THR A 128 -14.42 -3.52 7.55
N LYS A 129 -14.37 -4.27 6.47
CA LYS A 129 -15.08 -5.52 6.37
C LYS A 129 -14.60 -6.50 7.44
N ASP A 130 -13.29 -6.54 7.67
CA ASP A 130 -12.72 -7.40 8.71
C ASP A 130 -13.24 -6.98 10.10
N GLU A 131 -13.13 -5.70 10.43
CA GLU A 131 -13.66 -5.14 11.69
C GLU A 131 -15.16 -5.43 11.87
N GLN A 132 -15.89 -5.58 10.77
CA GLN A 132 -17.34 -5.83 10.84
C GLN A 132 -17.61 -7.23 11.36
N VAL A 133 -16.85 -8.21 10.83
CA VAL A 133 -16.95 -9.61 11.28
C VAL A 133 -16.52 -9.70 12.74
N GLU A 134 -15.36 -9.11 13.06
CA GLU A 134 -14.91 -8.97 14.45
C GLU A 134 -16.07 -8.55 15.36
N GLY A 135 -16.79 -7.51 14.94
CA GLY A 135 -17.85 -6.91 15.73
C GLY A 135 -19.14 -7.71 15.78
N LEU A 136 -19.40 -8.48 14.72
CA LEU A 136 -20.57 -9.35 14.69
C LEU A 136 -20.41 -10.39 15.77
N LEU A 137 -19.27 -11.08 15.71
CA LEU A 137 -18.92 -12.15 16.63
C LEU A 137 -18.86 -11.65 18.07
N ALA A 138 -18.40 -10.43 18.28
CA ALA A 138 -18.37 -9.83 19.61
C ALA A 138 -19.74 -9.26 20.09
N GLY A 139 -20.74 -9.24 19.20
CA GLY A 139 -22.04 -8.68 19.53
C GLY A 139 -22.09 -7.15 19.61
N THR A 140 -20.97 -6.48 19.35
CA THR A 140 -20.96 -5.00 19.20
C THR A 140 -21.79 -4.49 18.03
N ILE A 141 -21.98 -5.30 17.00
CA ILE A 141 -22.83 -4.84 15.93
C ILE A 141 -23.72 -5.96 15.55
N HIS A 142 -24.94 -5.62 15.13
CA HIS A 142 -25.94 -6.58 14.76
C HIS A 142 -25.81 -6.94 13.31
N VAL A 143 -25.31 -6.00 12.50
CA VAL A 143 -25.31 -6.16 11.04
C VAL A 143 -24.47 -5.14 10.29
N GLY A 144 -23.75 -5.62 9.28
CA GLY A 144 -22.91 -4.77 8.48
C GLY A 144 -23.37 -4.62 7.04
N PHE A 145 -22.95 -3.53 6.41
CA PHE A 145 -23.25 -3.26 5.01
C PHE A 145 -21.96 -2.91 4.25
N SER A 146 -21.90 -3.40 3.01
CA SER A 146 -20.91 -3.01 2.01
C SER A 146 -21.41 -3.63 0.74
N ARG A 147 -20.53 -3.90 -0.20
CA ARG A 147 -20.95 -4.50 -1.46
C ARG A 147 -20.48 -5.99 -1.61
N PHE A 148 -19.18 -6.22 -1.52
CA PHE A 148 -18.62 -7.57 -1.70
C PHE A 148 -17.99 -8.11 -0.43
N PHE A 149 -18.61 -9.14 0.14
CA PHE A 149 -18.10 -9.68 1.36
C PHE A 149 -17.40 -11.00 1.08
N PRO A 150 -16.20 -11.16 1.62
CA PRO A 150 -15.57 -12.48 1.64
C PRO A 150 -16.43 -13.37 2.55
N ARG A 151 -16.51 -14.67 2.29
CA ARG A 151 -17.32 -15.55 3.14
C ARG A 151 -16.53 -15.90 4.39
N HIS A 152 -17.25 -16.05 5.50
CA HIS A 152 -16.71 -16.35 6.83
C HIS A 152 -17.70 -17.29 7.53
N PRO A 153 -17.19 -18.37 8.17
CA PRO A 153 -17.99 -19.58 8.48
C PRO A 153 -19.41 -19.40 9.07
N GLY A 154 -19.54 -18.70 10.20
CA GLY A 154 -20.86 -18.55 10.82
C GLY A 154 -21.47 -17.19 10.54
N ILE A 155 -21.33 -16.74 9.29
CA ILE A 155 -21.80 -15.43 8.85
C ILE A 155 -22.68 -15.64 7.63
N GLU A 156 -23.72 -14.86 7.50
CA GLU A 156 -24.54 -14.88 6.31
C GLU A 156 -24.39 -13.60 5.52
N ILE A 157 -24.58 -13.74 4.22
CA ILE A 157 -24.45 -12.68 3.24
C ILE A 157 -25.75 -12.67 2.45
N VAL A 158 -26.43 -11.51 2.46
CA VAL A 158 -27.62 -11.29 1.67
C VAL A 158 -27.32 -10.20 0.66
N ASN A 159 -27.59 -10.50 -0.60
CA ASN A 159 -27.50 -9.52 -1.66
C ASN A 159 -28.90 -8.97 -1.83
N ILE A 160 -29.05 -7.69 -1.55
CA ILE A 160 -30.35 -7.08 -1.36
C ILE A 160 -30.87 -6.52 -2.67
N ALA A 161 -30.05 -5.70 -3.30
CA ALA A 161 -30.45 -4.91 -4.45
C ALA A 161 -29.19 -4.62 -5.25
N GLN A 162 -29.35 -3.97 -6.40
CA GLN A 162 -28.26 -3.59 -7.28
C GLN A 162 -28.30 -2.10 -7.51
N GLU A 163 -27.15 -1.50 -7.72
CA GLU A 163 -27.04 -0.08 -8.02
C GLU A 163 -26.32 0.10 -9.36
N ASP A 164 -26.82 1.01 -10.18
CA ASP A 164 -26.16 1.40 -11.41
C ASP A 164 -24.84 2.03 -11.05
N LEU A 165 -23.96 2.18 -12.04
CA LEU A 165 -22.73 2.94 -11.89
C LEU A 165 -22.75 4.15 -12.81
N TYR A 166 -22.03 5.18 -12.41
CA TYR A 166 -22.00 6.47 -13.09
C TYR A 166 -20.54 6.91 -13.24
N LEU A 167 -20.25 7.52 -14.40
CA LEU A 167 -19.00 8.22 -14.62
C LEU A 167 -19.10 9.56 -13.92
N ALA A 168 -17.99 10.00 -13.33
CA ALA A 168 -17.92 11.30 -12.68
C ALA A 168 -16.78 12.10 -13.29
N VAL A 169 -17.11 13.13 -14.07
CA VAL A 169 -16.11 14.09 -14.52
C VAL A 169 -16.37 15.48 -13.93
N HIS A 170 -15.36 16.33 -14.00
CA HIS A 170 -15.53 17.74 -13.72
C HIS A 170 -16.55 18.34 -14.69
N ARG A 171 -17.24 19.41 -14.29
CA ARG A 171 -18.35 19.92 -15.11
C ARG A 171 -17.88 20.52 -16.48
N SER A 172 -16.63 20.96 -16.52
CA SER A 172 -16.02 21.45 -17.74
C SER A 172 -15.92 20.38 -18.82
N GLN A 173 -15.86 19.11 -18.40
CA GLN A 173 -15.73 17.98 -19.32
C GLN A 173 -17.06 17.38 -19.70
N SER A 174 -18.18 17.96 -19.24
CA SER A 174 -19.51 17.33 -19.43
C SER A 174 -19.87 17.02 -20.89
N GLY A 175 -19.59 17.95 -21.79
CA GLY A 175 -19.89 17.78 -23.21
C GLY A 175 -19.26 16.55 -23.83
N LYS A 176 -18.13 16.08 -23.30
CA LYS A 176 -17.46 14.88 -23.86
C LYS A 176 -18.35 13.63 -23.89
N PHE A 177 -19.11 13.39 -22.83
CA PHE A 177 -19.84 12.12 -22.67
C PHE A 177 -21.36 12.23 -22.67
N GLY A 178 -21.87 13.42 -22.35
CA GLY A 178 -23.29 13.63 -22.19
C GLY A 178 -23.80 13.04 -20.90
N LYS A 179 -25.08 12.70 -20.86
CA LYS A 179 -25.72 12.19 -19.64
C LYS A 179 -25.62 10.64 -19.49
N THR A 180 -25.27 9.95 -20.58
CA THR A 180 -24.95 8.50 -20.53
C THR A 180 -23.76 8.15 -21.39
N CYS A 181 -23.22 6.96 -21.15
CA CYS A 181 -22.08 6.44 -21.88
C CYS A 181 -22.02 4.92 -21.71
N LYS A 182 -21.08 4.31 -22.44
CA LYS A 182 -20.74 2.90 -22.27
C LYS A 182 -19.27 2.84 -21.93
N LEU A 183 -18.85 1.74 -21.32
CA LEU A 183 -17.45 1.56 -20.90
C LEU A 183 -16.49 1.74 -22.04
N ALA A 184 -16.87 1.31 -23.25
CA ALA A 184 -16.07 1.51 -24.47
C ALA A 184 -15.81 2.98 -24.86
N ASP A 185 -16.67 3.88 -24.42
CA ASP A 185 -16.45 5.31 -24.61
C ASP A 185 -15.35 5.82 -23.69
N LEU A 186 -15.00 5.05 -22.68
CA LEU A 186 -14.12 5.56 -21.64
C LEU A 186 -12.71 5.01 -21.73
N ARG A 187 -12.41 4.23 -22.77
CA ARG A 187 -11.06 3.67 -22.95
C ARG A 187 -9.91 4.68 -22.87
N ALA A 188 -10.15 5.93 -23.26
CA ALA A 188 -9.12 6.98 -23.19
C ALA A 188 -9.12 7.75 -21.88
N VAL A 189 -10.12 7.56 -21.03
CA VAL A 189 -10.27 8.37 -19.83
C VAL A 189 -9.41 7.88 -18.67
N GLU A 190 -8.59 8.76 -18.11
CA GLU A 190 -7.78 8.47 -16.93
C GLU A 190 -8.62 8.44 -15.67
N LEU A 191 -8.83 7.23 -15.17
CA LEU A 191 -9.73 7.00 -14.04
C LEU A 191 -9.01 6.95 -12.70
N THR A 192 -9.72 7.44 -11.69
CA THR A 192 -9.32 7.34 -10.30
C THR A 192 -10.31 6.42 -9.59
N LEU A 193 -9.81 5.35 -9.00
CA LEU A 193 -10.65 4.33 -8.38
C LEU A 193 -10.44 4.26 -6.88
N PHE A 194 -11.20 3.41 -6.23
CA PHE A 194 -11.10 3.25 -4.77
C PHE A 194 -11.89 2.00 -4.39
N PRO A 195 -11.65 1.39 -3.22
CA PRO A 195 -10.54 1.72 -2.31
C PRO A 195 -9.19 1.13 -2.71
N ARG A 196 -8.17 1.39 -1.91
CA ARG A 196 -6.92 0.63 -1.97
C ARG A 196 -7.17 -0.61 -1.14
N GLY A 197 -6.67 -1.75 -1.59
CA GLY A 197 -6.74 -2.99 -0.84
C GLY A 197 -8.14 -3.56 -0.67
N GLY A 198 -8.31 -4.42 0.32
CA GLY A 198 -9.57 -5.07 0.57
C GLY A 198 -10.05 -5.80 -0.67
N ARG A 199 -9.17 -6.59 -1.25
CA ARG A 199 -9.45 -7.24 -2.56
C ARG A 199 -10.18 -8.58 -2.39
N PRO A 200 -11.18 -8.90 -3.21
CA PRO A 200 -11.72 -8.03 -4.27
C PRO A 200 -12.60 -6.95 -3.67
N SER A 201 -12.47 -5.75 -4.22
CA SER A 201 -13.14 -4.52 -3.75
C SER A 201 -13.93 -3.88 -4.88
N PHE A 202 -14.44 -2.67 -4.64
CA PHE A 202 -15.21 -1.94 -5.66
C PHE A 202 -14.35 -1.67 -6.88
N ALA A 203 -13.09 -1.31 -6.67
CA ALA A 203 -12.18 -1.07 -7.77
C ALA A 203 -11.98 -2.32 -8.61
N ASP A 204 -11.93 -3.47 -7.97
CA ASP A 204 -11.81 -4.73 -8.70
C ASP A 204 -13.01 -4.98 -9.59
N GLU A 205 -14.21 -4.62 -9.13
CA GLU A 205 -15.42 -4.85 -9.92
C GLU A 205 -15.37 -3.92 -11.10
N VAL A 206 -15.00 -2.68 -10.87
CA VAL A 206 -14.93 -1.74 -11.99
C VAL A 206 -13.93 -2.20 -13.09
N ILE A 207 -12.68 -2.43 -12.70
CA ILE A 207 -11.69 -3.00 -13.62
C ILE A 207 -12.18 -4.29 -14.30
N GLY A 208 -12.81 -5.16 -13.53
CA GLY A 208 -13.36 -6.38 -14.09
C GLY A 208 -14.36 -6.11 -15.19
N LEU A 209 -15.28 -5.17 -14.98
CA LEU A 209 -16.31 -4.89 -15.98
C LEU A 209 -15.71 -4.32 -17.26
N PHE A 210 -14.70 -3.51 -17.16
CA PHE A 210 -14.00 -3.08 -18.37
C PHE A 210 -13.47 -4.28 -19.13
N LYS A 211 -12.75 -5.14 -18.43
CA LYS A 211 -12.15 -6.32 -19.03
C LYS A 211 -13.17 -7.25 -19.63
N HIS A 212 -14.40 -7.22 -19.12
CA HIS A 212 -15.46 -8.11 -19.61
C HIS A 212 -15.93 -7.57 -20.95
N ALA A 213 -15.82 -6.26 -21.10
CA ALA A 213 -16.23 -5.59 -22.31
C ALA A 213 -15.08 -5.49 -23.32
N GLY A 214 -13.95 -6.15 -23.05
CA GLY A 214 -12.81 -6.16 -23.95
C GLY A 214 -11.81 -5.01 -23.86
N ILE A 215 -11.77 -4.30 -22.74
CA ILE A 215 -10.95 -3.08 -22.62
C ILE A 215 -10.07 -3.09 -21.37
N GLU A 216 -8.82 -2.67 -21.55
CA GLU A 216 -7.94 -2.43 -20.42
C GLU A 216 -8.21 -0.99 -20.01
N PRO A 217 -8.69 -0.78 -18.80
CA PRO A 217 -9.00 0.58 -18.37
C PRO A 217 -7.70 1.32 -18.10
N ARG A 218 -7.75 2.61 -18.35
CA ARG A 218 -6.64 3.49 -18.13
C ARG A 218 -6.80 4.01 -16.72
N ILE A 219 -5.99 3.51 -15.79
CA ILE A 219 -6.07 3.83 -14.35
C ILE A 219 -4.94 4.79 -13.93
N ALA A 220 -5.29 6.02 -13.60
CA ALA A 220 -4.31 7.03 -13.19
C ALA A 220 -3.88 6.88 -11.75
N ARG A 221 -4.76 6.38 -10.91
CA ARG A 221 -4.42 6.21 -9.52
C ARG A 221 -5.55 5.51 -8.79
N VAL A 222 -5.23 4.95 -7.63
CA VAL A 222 -6.21 4.35 -6.74
C VAL A 222 -6.12 5.06 -5.39
N VAL A 223 -7.17 5.79 -5.03
CA VAL A 223 -7.23 6.57 -3.79
C VAL A 223 -8.00 5.86 -2.73
N GLU A 224 -8.00 6.42 -1.53
CA GLU A 224 -8.41 5.68 -0.31
C GLU A 224 -9.90 5.43 -0.16
N ASP A 225 -10.73 6.32 -0.71
CA ASP A 225 -12.17 6.13 -0.63
C ASP A 225 -12.89 7.02 -1.61
N ALA A 226 -14.21 6.87 -1.67
CA ALA A 226 -15.03 7.67 -2.53
C ALA A 226 -14.82 9.15 -2.30
N THR A 227 -14.59 9.54 -1.06
CA THR A 227 -14.47 10.96 -0.68
C THR A 227 -13.30 11.65 -1.33
N ALA A 228 -12.14 11.01 -1.38
CA ALA A 228 -10.99 11.62 -2.00
C ALA A 228 -11.23 11.74 -3.49
N ALA A 229 -11.86 10.73 -4.08
CA ALA A 229 -12.07 10.67 -5.53
C ALA A 229 -13.03 11.75 -5.96
N LEU A 230 -14.09 11.93 -5.18
CA LEU A 230 -15.08 12.96 -5.49
C LEU A 230 -14.47 14.36 -5.39
N ALA A 231 -13.77 14.64 -4.29
CA ALA A 231 -13.01 15.88 -4.14
C ALA A 231 -11.97 16.13 -5.22
N LEU A 232 -11.25 15.09 -5.64
CA LEU A 232 -10.31 15.26 -6.78
C LEU A 232 -11.06 15.55 -8.09
N THR A 233 -12.23 14.99 -8.29
CA THR A 233 -13.01 15.29 -9.48
C THR A 233 -13.62 16.70 -9.39
N MET A 234 -13.99 17.10 -8.19
CA MET A 234 -14.46 18.44 -7.95
C MET A 234 -13.37 19.46 -8.25
N ALA A 235 -12.11 19.10 -7.97
CA ALA A 235 -10.97 19.97 -8.23
C ALA A 235 -10.49 20.04 -9.68
N GLY A 236 -11.13 19.29 -10.59
CA GLY A 236 -10.66 19.18 -11.97
C GLY A 236 -9.55 18.15 -12.18
N ALA A 237 -9.11 17.53 -11.11
CA ALA A 237 -7.97 16.63 -11.11
C ALA A 237 -8.24 15.18 -11.49
N ALA A 238 -9.51 14.79 -11.59
CA ALA A 238 -9.81 13.38 -11.83
C ALA A 238 -11.05 13.13 -12.62
N SER A 239 -11.16 11.89 -13.04
CA SER A 239 -12.41 11.30 -13.44
C SER A 239 -12.57 10.04 -12.59
N SER A 240 -13.79 9.69 -12.20
CA SER A 240 -13.99 8.46 -11.42
C SER A 240 -15.20 7.69 -11.88
N ILE A 241 -15.50 6.60 -11.18
CA ILE A 241 -16.71 5.84 -11.47
C ILE A 241 -17.32 5.52 -10.13
N VAL A 242 -18.61 5.79 -9.96
CA VAL A 242 -19.24 5.63 -8.66
C VAL A 242 -20.63 4.98 -8.75
N PRO A 243 -21.08 4.29 -7.71
CA PRO A 243 -22.47 3.84 -7.67
C PRO A 243 -23.50 4.97 -7.61
N ALA A 244 -24.73 4.61 -7.97
CA ALA A 244 -25.86 5.52 -8.00
C ALA A 244 -26.02 6.32 -6.71
N SER A 245 -25.86 5.66 -5.56
CA SER A 245 -25.94 6.31 -4.24
C SER A 245 -25.12 7.62 -4.17
N VAL A 246 -23.93 7.59 -4.74
CA VAL A 246 -23.08 8.76 -4.83
C VAL A 246 -23.60 9.81 -5.79
N ALA A 247 -24.02 9.36 -6.98
CA ALA A 247 -24.55 10.25 -8.03
C ALA A 247 -25.92 10.85 -7.76
N ALA A 248 -26.68 10.37 -6.78
CA ALA A 248 -27.97 10.97 -6.42
C ALA A 248 -27.81 12.28 -5.69
N ILE A 249 -26.60 12.55 -5.22
CA ILE A 249 -26.30 13.77 -4.49
C ILE A 249 -25.65 14.78 -5.43
N ARG A 250 -26.14 16.02 -5.45
CA ARG A 250 -25.69 17.02 -6.44
C ARG A 250 -24.40 17.73 -6.00
N TRP A 251 -23.28 17.00 -6.08
CA TRP A 251 -22.00 17.57 -5.69
C TRP A 251 -21.73 18.75 -6.61
N PRO A 252 -21.14 19.83 -6.14
CA PRO A 252 -20.86 20.95 -7.04
C PRO A 252 -19.71 20.60 -7.97
N ASP A 253 -19.72 21.12 -9.18
CA ASP A 253 -18.64 20.94 -10.15
C ASP A 253 -18.43 19.52 -10.69
N ILE A 254 -19.37 18.61 -10.44
CA ILE A 254 -19.26 17.25 -10.95
C ILE A 254 -20.41 17.00 -11.93
N ALA A 255 -20.11 16.47 -13.11
CA ALA A 255 -21.13 15.98 -14.03
C ALA A 255 -21.10 14.45 -14.04
N PHE A 256 -22.26 13.82 -13.87
CA PHE A 256 -22.33 12.37 -13.85
C PHE A 256 -22.95 11.94 -15.15
N ALA A 257 -22.48 10.84 -15.72
CA ALA A 257 -23.17 10.16 -16.83
C ALA A 257 -23.40 8.69 -16.49
N ARG A 258 -24.65 8.26 -16.50
CA ARG A 258 -24.97 6.87 -16.23
C ARG A 258 -24.29 5.95 -17.26
N ILE A 259 -23.74 4.84 -16.78
CA ILE A 259 -23.03 3.92 -17.66
C ILE A 259 -24.04 2.85 -17.96
N VAL A 260 -24.30 2.55 -19.23
CA VAL A 260 -25.37 1.61 -19.53
C VAL A 260 -24.83 0.23 -19.93
N GLY A 261 -25.42 -0.79 -19.35
CA GLY A 261 -24.96 -2.12 -19.62
C GLY A 261 -25.59 -3.02 -18.61
N THR A 262 -25.96 -4.21 -19.08
CA THR A 262 -26.64 -5.21 -18.25
C THR A 262 -25.77 -5.66 -17.05
N ARG A 263 -24.47 -5.89 -17.29
CA ARG A 263 -23.55 -6.29 -16.22
C ARG A 263 -23.06 -5.13 -15.36
N VAL A 264 -23.23 -3.89 -15.79
CA VAL A 264 -22.67 -2.71 -15.07
C VAL A 264 -23.53 -2.38 -13.85
N LYS A 265 -23.34 -3.17 -12.81
CA LYS A 265 -24.10 -3.11 -11.58
C LYS A 265 -23.24 -3.58 -10.41
N VAL A 266 -23.53 -3.05 -9.24
CA VAL A 266 -22.89 -3.47 -8.03
C VAL A 266 -23.93 -3.69 -6.92
N PRO A 267 -23.79 -4.73 -6.13
CA PRO A 267 -24.78 -4.99 -5.08
C PRO A 267 -24.65 -4.08 -3.89
N ILE A 268 -25.75 -3.95 -3.14
CA ILE A 268 -25.72 -3.58 -1.73
C ILE A 268 -25.86 -4.93 -1.06
N SER A 269 -24.96 -5.23 -0.12
CA SER A 269 -24.98 -6.50 0.61
C SER A 269 -24.93 -6.27 2.10
N CYS A 270 -25.56 -7.14 2.89
CA CYS A 270 -25.29 -7.15 4.32
C CYS A 270 -24.83 -8.49 4.88
N ILE A 271 -24.17 -8.41 6.04
CA ILE A 271 -23.78 -9.61 6.78
C ILE A 271 -24.27 -9.59 8.24
N PHE A 272 -24.56 -10.77 8.77
CA PHE A 272 -24.95 -10.95 10.16
C PHE A 272 -24.57 -12.33 10.68
N ARG A 273 -24.43 -12.47 12.00
CA ARG A 273 -24.24 -13.79 12.65
C ARG A 273 -25.50 -14.59 12.33
N LYS A 274 -25.36 -15.84 11.87
CA LYS A 274 -26.55 -16.63 11.53
C LYS A 274 -27.03 -17.53 12.69
N GLU A 275 -26.26 -17.55 13.79
CA GLU A 275 -26.59 -18.29 15.00
C GLU A 275 -27.45 -17.48 16.02
N LYS A 276 -26.82 -16.86 17.02
CA LYS A 276 -27.57 -16.34 18.20
C LYS A 276 -28.31 -15.00 17.95
N GLN A 277 -29.36 -15.03 17.14
CA GLN A 277 -30.00 -13.80 16.68
C GLN A 277 -30.89 -13.23 17.77
N PRO A 278 -30.60 -12.02 18.24
CA PRO A 278 -31.50 -11.32 19.17
C PRO A 278 -32.71 -10.78 18.42
N PRO A 279 -33.80 -10.46 19.11
CA PRO A 279 -35.05 -10.14 18.43
C PRO A 279 -34.93 -8.99 17.43
N ILE A 280 -34.24 -7.91 17.80
CA ILE A 280 -34.02 -6.78 16.90
C ILE A 280 -33.46 -7.24 15.53
N LEU A 281 -32.40 -8.05 15.56
CA LEU A 281 -31.80 -8.54 14.34
C LEU A 281 -32.77 -9.40 13.54
N ALA A 282 -33.36 -10.41 14.19
CA ALA A 282 -34.34 -11.28 13.54
C ALA A 282 -35.44 -10.47 12.82
N ARG A 283 -35.88 -9.37 13.43
CA ARG A 283 -36.87 -8.46 12.83
C ARG A 283 -36.33 -7.71 11.61
N PHE A 284 -35.06 -7.30 11.70
CA PHE A 284 -34.39 -6.60 10.62
C PHE A 284 -34.13 -7.57 9.47
N VAL A 285 -33.74 -8.81 9.78
CA VAL A 285 -33.48 -9.84 8.77
C VAL A 285 -34.73 -10.15 7.95
N GLU A 286 -35.83 -10.49 8.64
CA GLU A 286 -37.17 -10.56 8.01
C GLU A 286 -37.38 -9.35 7.07
N HIS A 287 -37.16 -8.13 7.59
CA HIS A 287 -37.39 -6.91 6.82
C HIS A 287 -36.56 -6.84 5.53
N VAL A 288 -35.27 -7.17 5.64
CA VAL A 288 -34.34 -7.18 4.49
C VAL A 288 -34.64 -8.35 3.53
N ARG A 289 -34.63 -9.57 4.04
CA ARG A 289 -35.12 -10.75 3.31
C ARG A 289 -36.16 -10.34 2.25
N ARG A 290 -37.12 -9.52 2.65
CA ARG A 290 -38.24 -9.11 1.77
C ARG A 290 -37.84 -8.09 0.68
N SER A 291 -37.18 -7.00 1.07
CA SER A 291 -36.53 -6.04 0.13
C SER A 291 -35.67 -6.68 -0.99
N ALA A 292 -34.81 -7.64 -0.63
CA ALA A 292 -34.20 -8.56 -1.59
C ALA A 292 -35.23 -9.26 -2.50
N MET B 1 -22.16 -0.82 36.65
CA MET B 1 -22.29 -2.28 36.38
C MET B 1 -20.92 -2.88 36.58
N GLU B 2 -20.87 -4.10 37.12
CA GLU B 2 -19.59 -4.74 37.50
C GLU B 2 -19.62 -6.23 37.16
N PHE B 3 -18.43 -6.82 36.93
CA PHE B 3 -18.29 -8.21 36.55
C PHE B 3 -18.87 -9.17 37.56
N ARG B 4 -18.71 -8.88 38.84
CA ARG B 4 -19.32 -9.73 39.87
C ARG B 4 -20.85 -9.72 39.76
N GLN B 5 -21.43 -8.57 39.44
CA GLN B 5 -22.87 -8.52 39.24
C GLN B 5 -23.30 -9.45 38.11
N LEU B 6 -22.49 -9.51 37.04
CA LEU B 6 -22.78 -10.36 35.87
C LEU B 6 -22.69 -11.87 36.17
N LYS B 7 -21.61 -12.30 36.84
CA LYS B 7 -21.46 -13.69 37.34
C LYS B 7 -22.63 -14.06 38.25
N TYR B 8 -22.94 -13.16 39.17
CA TYR B 8 -23.96 -13.41 40.18
C TYR B 8 -25.33 -13.53 39.54
N PHE B 9 -25.62 -12.68 38.57
CA PHE B 9 -26.91 -12.72 37.89
C PHE B 9 -27.03 -14.04 37.13
N ILE B 10 -25.99 -14.43 36.42
CA ILE B 10 -26.04 -15.69 35.68
C ILE B 10 -26.27 -16.86 36.65
N ALA B 11 -25.61 -16.86 37.80
CA ALA B 11 -25.76 -17.94 38.75
C ALA B 11 -27.18 -17.99 39.28
N VAL B 12 -27.74 -16.83 39.58
CA VAL B 12 -29.12 -16.74 40.05
C VAL B 12 -30.08 -17.37 39.05
N ALA B 13 -29.87 -17.10 37.76
CA ALA B 13 -30.78 -17.55 36.72
C ALA B 13 -30.71 -19.06 36.54
N GLU B 14 -29.51 -19.59 36.62
CA GLU B 14 -29.26 -21.02 36.48
C GLU B 14 -29.74 -21.77 37.71
N ALA B 15 -29.20 -21.39 38.87
CA ALA B 15 -29.58 -21.95 40.18
C ALA B 15 -31.08 -22.00 40.45
N GLY B 16 -31.84 -21.09 39.85
CA GLY B 16 -33.27 -21.01 40.10
C GLY B 16 -33.64 -20.15 41.31
N ASN B 17 -32.95 -20.34 42.44
CA ASN B 17 -33.25 -19.62 43.68
C ASN B 17 -32.00 -19.21 44.42
N MET B 18 -32.20 -18.46 45.50
CA MET B 18 -31.13 -17.76 46.19
C MET B 18 -30.24 -18.64 47.03
N ALA B 19 -30.83 -19.61 47.72
CA ALA B 19 -30.05 -20.55 48.52
C ALA B 19 -29.15 -21.40 47.59
N ALA B 20 -29.68 -21.81 46.45
CA ALA B 20 -28.92 -22.55 45.45
C ALA B 20 -27.81 -21.68 44.85
N ALA B 21 -28.17 -20.43 44.55
CA ALA B 21 -27.24 -19.45 44.01
C ALA B 21 -26.05 -19.27 44.95
N ALA B 22 -26.29 -19.31 46.25
CA ALA B 22 -25.25 -19.10 47.24
C ALA B 22 -24.24 -20.25 47.26
N LYS B 23 -24.72 -21.49 47.25
CA LYS B 23 -23.80 -22.65 47.21
C LYS B 23 -23.05 -22.74 45.88
N ARG B 24 -23.75 -22.48 44.79
CA ARG B 24 -23.17 -22.42 43.46
C ARG B 24 -21.99 -21.45 43.47
N LEU B 25 -22.11 -20.37 44.22
CA LEU B 25 -21.08 -19.34 44.20
C LEU B 25 -20.08 -19.41 45.35
N HIS B 26 -20.26 -20.34 46.30
CA HIS B 26 -19.44 -20.40 47.52
C HIS B 26 -19.41 -19.03 48.20
N VAL B 27 -20.60 -18.44 48.29
CA VAL B 27 -20.79 -17.11 48.86
C VAL B 27 -22.04 -17.17 49.71
N SER B 28 -22.12 -16.33 50.74
CA SER B 28 -23.34 -16.20 51.53
C SER B 28 -24.44 -15.43 50.75
N GLN B 29 -25.67 -15.47 51.24
CA GLN B 29 -26.81 -14.88 50.52
C GLN B 29 -26.84 -13.34 50.53
N PRO B 30 -26.62 -12.69 51.66
CA PRO B 30 -26.73 -11.22 51.70
C PRO B 30 -25.85 -10.49 50.64
N PRO B 31 -24.60 -10.90 50.43
CA PRO B 31 -23.79 -10.33 49.33
C PRO B 31 -24.42 -10.41 47.95
N ILE B 32 -25.03 -11.53 47.62
CA ILE B 32 -25.72 -11.70 46.33
C ILE B 32 -26.91 -10.76 46.25
N THR B 33 -27.78 -10.83 47.24
CA THR B 33 -28.98 -9.99 47.30
C THR B 33 -28.62 -8.52 47.10
N ARG B 34 -27.58 -8.06 47.78
CA ARG B 34 -27.17 -6.66 47.78
C ARG B 34 -26.60 -6.29 46.40
N GLN B 35 -25.84 -7.19 45.79
CA GLN B 35 -25.32 -6.98 44.44
C GLN B 35 -26.44 -6.81 43.41
N MET B 36 -27.50 -7.63 43.54
CA MET B 36 -28.64 -7.61 42.63
C MET B 36 -29.52 -6.40 42.83
N GLN B 37 -29.57 -5.87 44.05
CA GLN B 37 -30.29 -4.62 44.32
C GLN B 37 -29.55 -3.49 43.60
N ALA B 38 -28.21 -3.50 43.69
CA ALA B 38 -27.35 -2.49 43.10
C ALA B 38 -27.42 -2.50 41.57
N LEU B 39 -27.48 -3.71 41.00
CA LEU B 39 -27.66 -3.92 39.56
C LEU B 39 -28.95 -3.32 39.12
N GLU B 40 -30.04 -3.74 39.73
CA GLU B 40 -31.38 -3.23 39.39
C GLU B 40 -31.44 -1.69 39.47
N ALA B 41 -30.66 -1.10 40.39
CA ALA B 41 -30.64 0.35 40.59
C ALA B 41 -29.72 1.09 39.61
N ASP B 42 -28.64 0.44 39.20
CA ASP B 42 -27.69 1.02 38.25
C ASP B 42 -28.36 1.07 36.87
N LEU B 43 -29.18 0.08 36.56
CA LEU B 43 -29.85 -0.01 35.26
C LEU B 43 -31.14 0.77 35.27
N GLY B 44 -31.79 0.85 36.43
CA GLY B 44 -33.09 1.49 36.56
C GLY B 44 -34.22 0.64 36.02
N VAL B 45 -34.16 -0.66 36.29
CA VAL B 45 -35.17 -1.63 35.85
C VAL B 45 -35.29 -2.79 36.85
N VAL B 46 -36.36 -3.56 36.78
CA VAL B 46 -36.52 -4.71 37.67
C VAL B 46 -36.13 -5.96 36.87
N LEU B 47 -35.17 -6.73 37.37
CA LEU B 47 -34.68 -7.90 36.64
C LEU B 47 -35.23 -9.22 37.15
N LEU B 48 -35.55 -9.27 38.44
CA LEU B 48 -36.13 -10.48 39.01
C LEU B 48 -37.10 -10.14 40.15
N GLU B 49 -37.99 -11.08 40.47
CA GLU B 49 -38.90 -10.92 41.60
C GLU B 49 -38.88 -12.13 42.52
N ARG B 50 -38.54 -11.89 43.78
CA ARG B 50 -38.54 -12.91 44.84
C ARG B 50 -39.99 -13.36 45.14
N SER B 51 -40.34 -14.58 44.72
CA SER B 51 -41.67 -15.14 45.00
C SER B 51 -41.60 -16.60 45.51
N HIS B 52 -42.31 -17.52 44.86
CA HIS B 52 -42.63 -18.82 45.46
C HIS B 52 -41.59 -19.91 45.19
N ARG B 53 -41.39 -20.21 43.90
CA ARG B 53 -40.42 -21.20 43.44
C ARG B 53 -39.00 -20.60 43.39
N GLY B 54 -38.76 -19.57 44.22
CA GLY B 54 -37.49 -18.86 44.27
C GLY B 54 -37.53 -17.53 43.52
N ILE B 55 -36.80 -17.47 42.42
CA ILE B 55 -36.55 -16.25 41.67
C ILE B 55 -37.02 -16.42 40.23
N GLU B 56 -37.73 -15.43 39.70
CA GLU B 56 -38.23 -15.48 38.32
C GLU B 56 -37.84 -14.21 37.51
N LEU B 57 -37.55 -14.41 36.23
CA LEU B 57 -37.03 -13.34 35.39
C LEU B 57 -38.12 -12.52 34.71
N THR B 58 -37.99 -11.21 34.78
CA THR B 58 -38.84 -10.31 33.98
C THR B 58 -38.38 -10.28 32.52
N ALA B 59 -39.04 -9.48 31.67
CA ALA B 59 -38.64 -9.37 30.26
C ALA B 59 -37.21 -8.81 30.18
N ALA B 60 -36.96 -7.75 30.94
CA ALA B 60 -35.67 -7.09 31.00
C ALA B 60 -34.61 -8.00 31.63
N GLY B 61 -35.04 -8.90 32.51
CA GLY B 61 -34.17 -9.88 33.15
C GLY B 61 -33.57 -10.85 32.14
N HIS B 62 -34.45 -11.53 31.40
CA HIS B 62 -34.08 -12.33 30.22
C HIS B 62 -33.22 -11.58 29.20
N ALA B 63 -33.51 -10.31 28.95
CA ALA B 63 -32.73 -9.55 28.00
C ALA B 63 -31.35 -9.21 28.54
N PHE B 64 -31.27 -8.90 29.83
CA PHE B 64 -30.00 -8.64 30.47
C PHE B 64 -29.21 -9.93 30.68
N LEU B 65 -29.90 -11.05 30.83
CA LEU B 65 -29.24 -12.35 30.99
C LEU B 65 -28.38 -12.65 29.77
N GLU B 66 -28.95 -12.43 28.59
CA GLU B 66 -28.31 -12.76 27.32
C GLU B 66 -27.11 -11.87 27.14
N ASP B 67 -27.24 -10.59 27.47
CA ASP B 67 -26.15 -9.63 27.34
C ASP B 67 -25.06 -9.89 28.37
N ALA B 68 -25.46 -10.41 29.53
CA ALA B 68 -24.51 -10.74 30.60
C ALA B 68 -23.67 -11.94 30.19
N ARG B 69 -24.28 -12.95 29.58
CA ARG B 69 -23.53 -14.06 28.99
C ARG B 69 -22.54 -13.58 27.94
N ARG B 70 -23.01 -12.65 27.09
CA ARG B 70 -22.22 -12.06 26.01
C ARG B 70 -20.99 -11.30 26.51
N ILE B 71 -21.15 -10.51 27.57
CA ILE B 71 -20.03 -9.74 28.09
C ILE B 71 -18.97 -10.69 28.65
N LEU B 72 -19.39 -11.76 29.31
CA LEU B 72 -18.44 -12.69 29.93
C LEU B 72 -17.79 -13.63 28.94
N GLU B 73 -18.54 -14.04 27.93
CA GLU B 73 -17.99 -14.87 26.87
C GLU B 73 -16.85 -14.10 26.20
N LEU B 74 -17.08 -12.83 25.87
CA LEU B 74 -16.06 -11.99 25.23
C LEU B 74 -14.89 -11.66 26.15
N ALA B 75 -15.15 -11.47 27.42
CA ALA B 75 -14.06 -11.20 28.34
C ALA B 75 -13.13 -12.41 28.37
N GLY B 76 -13.72 -13.59 28.47
CA GLY B 76 -13.01 -14.85 28.54
C GLY B 76 -12.19 -15.07 27.27
N ARG B 77 -12.79 -14.81 26.11
CA ARG B 77 -12.09 -14.93 24.84
C ARG B 77 -10.97 -13.91 24.76
N SER B 78 -11.18 -12.71 25.26
CA SER B 78 -10.16 -11.67 25.19
C SER B 78 -8.95 -12.00 26.09
N GLY B 79 -9.22 -12.67 27.20
CA GLY B 79 -8.13 -13.19 28.01
C GLY B 79 -7.35 -14.22 27.22
N ASP B 80 -8.07 -15.08 26.50
CA ASP B 80 -7.42 -16.15 25.75
C ASP B 80 -6.52 -15.54 24.69
N ARG B 81 -7.03 -14.62 23.86
CA ARG B 81 -6.21 -13.95 22.84
C ARG B 81 -5.02 -13.25 23.47
N SER B 82 -5.28 -12.49 24.52
CA SER B 82 -4.19 -11.74 25.13
C SER B 82 -3.03 -12.67 25.42
N ARG B 83 -3.34 -13.83 25.94
CA ARG B 83 -2.35 -14.76 26.42
C ARG B 83 -1.69 -15.59 25.32
N ALA B 84 -2.44 -15.96 24.28
CA ALA B 84 -1.87 -16.57 23.08
C ALA B 84 -0.80 -15.67 22.49
N ALA B 85 -1.07 -14.37 22.46
CA ALA B 85 -0.12 -13.40 21.93
C ALA B 85 1.14 -13.35 22.76
N ALA B 86 1.02 -13.45 24.08
CA ALA B 86 2.20 -13.49 24.96
C ALA B 86 3.11 -14.71 24.72
N ARG B 87 2.48 -15.84 24.39
CA ARG B 87 3.15 -17.12 24.11
C ARG B 87 3.68 -17.23 22.68
N GLY B 88 3.24 -16.33 21.81
CA GLY B 88 3.67 -16.31 20.44
C GLY B 88 2.93 -17.25 19.49
N ASP B 89 1.73 -17.70 19.91
CA ASP B 89 0.87 -18.55 19.09
C ASP B 89 0.17 -17.78 17.99
N VAL B 90 0.09 -16.47 18.15
CA VAL B 90 -0.57 -15.62 17.16
C VAL B 90 0.36 -14.51 16.76
N GLY B 91 0.08 -13.92 15.61
CA GLY B 91 0.83 -12.78 15.12
C GLY B 91 1.41 -13.10 13.77
N GLU B 92 1.76 -12.03 13.07
CA GLU B 92 2.38 -12.10 11.76
C GLU B 92 3.87 -11.82 11.91
N LEU B 93 4.70 -12.84 11.67
CA LEU B 93 6.15 -12.66 11.53
C LEU B 93 6.48 -11.98 10.21
N SER B 94 6.97 -10.75 10.29
CA SER B 94 7.39 -9.97 9.14
C SER B 94 8.83 -10.36 8.78
N VAL B 95 9.00 -10.87 7.57
CA VAL B 95 10.26 -11.49 7.13
C VAL B 95 10.74 -10.81 5.87
N ALA B 96 12.04 -10.56 5.80
CA ALA B 96 12.64 -10.06 4.58
C ALA B 96 13.74 -10.99 4.12
N TYR B 97 14.04 -10.87 2.83
CA TYR B 97 15.04 -11.70 2.20
C TYR B 97 15.78 -10.93 1.12
N PHE B 98 17.03 -11.34 0.93
CA PHE B 98 17.82 -11.01 -0.25
C PHE B 98 18.43 -12.32 -0.79
N GLY B 99 18.61 -12.38 -2.11
CA GLY B 99 19.34 -13.47 -2.72
C GLY B 99 18.56 -14.76 -2.72
N THR B 100 19.27 -15.86 -2.84
CA THR B 100 18.65 -17.12 -3.25
C THR B 100 18.09 -18.06 -2.17
N PRO B 101 18.30 -17.80 -0.87
CA PRO B 101 17.59 -18.60 0.13
C PRO B 101 16.08 -18.69 -0.12
N ILE B 102 15.50 -17.64 -0.72
CA ILE B 102 14.08 -17.62 -1.00
C ILE B 102 13.65 -18.77 -1.88
N TYR B 103 14.54 -19.21 -2.78
CA TYR B 103 14.24 -20.34 -3.68
C TYR B 103 14.02 -21.69 -3.02
N ARG B 104 14.58 -21.92 -1.85
CA ARG B 104 14.37 -23.22 -1.20
C ARG B 104 14.57 -23.21 0.30
N SER B 105 15.75 -22.82 0.76
CA SER B 105 16.09 -22.96 2.17
C SER B 105 15.18 -22.16 3.07
N LEU B 106 14.81 -20.95 2.67
CA LEU B 106 13.92 -20.11 3.47
C LEU B 106 12.47 -20.60 3.51
N PRO B 107 11.90 -20.95 2.36
CA PRO B 107 10.61 -21.64 2.35
C PRO B 107 10.52 -22.83 3.33
N LEU B 108 11.52 -23.70 3.39
CA LEU B 108 11.43 -24.88 4.27
C LEU B 108 11.43 -24.48 5.74
N LEU B 109 12.31 -23.56 6.06
CA LEU B 109 12.36 -22.99 7.40
C LEU B 109 11.01 -22.49 7.81
N LEU B 110 10.34 -21.75 6.94
CA LEU B 110 9.06 -21.15 7.27
C LEU B 110 7.99 -22.21 7.39
N ARG B 111 8.11 -23.28 6.61
CA ARG B 111 7.10 -24.32 6.62
C ARG B 111 7.10 -25.00 7.96
N ALA B 112 8.26 -25.22 8.53
CA ALA B 112 8.36 -25.80 9.85
C ALA B 112 7.77 -24.86 10.89
N PHE B 113 8.08 -23.57 10.77
CA PHE B 113 7.62 -22.59 11.75
C PHE B 113 6.11 -22.52 11.73
N LEU B 114 5.52 -22.46 10.56
CA LEU B 114 4.09 -22.21 10.40
C LEU B 114 3.29 -23.43 10.74
N THR B 115 3.87 -24.57 10.45
CA THR B 115 3.35 -25.86 10.89
C THR B 115 3.32 -26.00 12.43
N SER B 116 4.35 -25.48 13.10
CA SER B 116 4.44 -25.61 14.57
C SER B 116 3.67 -24.52 15.30
N THR B 117 3.24 -23.51 14.53
CA THR B 117 2.53 -22.37 15.07
C THR B 117 1.41 -22.01 14.10
N PRO B 118 0.40 -22.89 14.05
CA PRO B 118 -0.59 -22.88 12.97
C PRO B 118 -1.49 -21.65 12.95
N THR B 119 -1.48 -20.84 14.01
CA THR B 119 -2.22 -19.57 14.03
C THR B 119 -1.33 -18.33 13.75
N ALA B 120 -0.11 -18.57 13.26
CA ALA B 120 0.77 -17.49 12.84
C ALA B 120 0.56 -17.23 11.36
N THR B 121 0.79 -16.00 10.94
CA THR B 121 1.04 -15.70 9.54
C THR B 121 2.46 -15.20 9.28
N VAL B 122 2.81 -15.06 8.00
CA VAL B 122 4.10 -14.59 7.55
C VAL B 122 3.86 -13.60 6.42
N SER B 123 4.61 -12.53 6.37
CA SER B 123 4.66 -11.72 5.15
C SER B 123 6.09 -11.67 4.69
N LEU B 124 6.27 -11.61 3.38
CA LEU B 124 7.60 -11.65 2.79
C LEU B 124 7.90 -10.38 2.02
N THR B 125 9.13 -9.91 2.13
CA THR B 125 9.55 -8.70 1.43
C THR B 125 10.97 -8.83 0.95
N HIS B 126 11.18 -8.71 -0.36
CA HIS B 126 12.50 -8.46 -0.87
C HIS B 126 13.10 -7.19 -0.22
N MET B 127 14.35 -7.28 0.14
CA MET B 127 15.04 -6.19 0.82
C MET B 127 16.57 -6.33 0.72
N THR B 128 17.22 -5.24 0.35
CA THR B 128 18.68 -5.20 0.40
C THR B 128 19.09 -5.36 1.85
N LYS B 129 20.31 -5.84 2.08
CA LYS B 129 20.84 -6.03 3.42
C LYS B 129 20.82 -4.76 4.24
N ASP B 130 20.97 -3.59 3.61
CA ASP B 130 20.93 -2.32 4.33
C ASP B 130 19.52 -1.93 4.71
N GLU B 131 18.58 -2.10 3.79
CA GLU B 131 17.15 -1.91 4.10
C GLU B 131 16.74 -2.84 5.24
N GLN B 132 17.31 -4.05 5.26
CA GLN B 132 16.98 -5.04 6.29
C GLN B 132 17.40 -4.53 7.66
N VAL B 133 18.55 -3.87 7.73
CA VAL B 133 19.15 -3.45 9.00
C VAL B 133 18.33 -2.31 9.58
N GLU B 134 17.93 -1.39 8.71
CA GLU B 134 17.04 -0.27 9.05
C GLU B 134 15.64 -0.73 9.43
N GLY B 135 15.16 -1.81 8.84
CA GLY B 135 13.82 -2.27 9.15
C GLY B 135 13.81 -2.95 10.49
N LEU B 136 14.91 -3.60 10.83
CA LEU B 136 15.01 -4.32 12.09
C LEU B 136 15.03 -3.36 13.27
N LEU B 137 15.90 -2.36 13.20
CA LEU B 137 16.02 -1.32 14.23
C LEU B 137 14.69 -0.59 14.44
N ALA B 138 13.98 -0.35 13.35
CA ALA B 138 12.72 0.41 13.38
C ALA B 138 11.51 -0.44 13.78
N GLY B 139 11.66 -1.78 13.77
CA GLY B 139 10.54 -2.67 14.09
C GLY B 139 9.55 -2.97 12.94
N THR B 140 9.85 -2.45 11.76
CA THR B 140 9.15 -2.71 10.49
C THR B 140 9.18 -4.18 10.00
N ILE B 141 10.28 -4.86 10.32
CA ILE B 141 10.43 -6.29 10.04
C ILE B 141 11.04 -6.98 11.26
N HIS B 142 10.76 -8.28 11.44
CA HIS B 142 11.24 -9.05 12.57
C HIS B 142 12.50 -9.86 12.26
N VAL B 143 12.70 -10.24 11.00
CA VAL B 143 13.81 -11.11 10.65
C VAL B 143 14.16 -11.04 9.18
N GLY B 144 15.45 -11.08 8.89
CA GLY B 144 15.94 -10.94 7.52
C GLY B 144 16.83 -12.10 7.14
N PHE B 145 16.76 -12.51 5.89
CA PHE B 145 17.51 -13.66 5.39
C PHE B 145 18.41 -13.27 4.22
N SER B 146 19.65 -13.74 4.27
CA SER B 146 20.60 -13.65 3.16
C SER B 146 21.70 -14.66 3.45
N ARG B 147 22.88 -14.46 2.86
CA ARG B 147 24.03 -15.34 3.09
C ARG B 147 25.05 -14.68 3.99
N PHE B 148 25.56 -13.53 3.55
CA PHE B 148 26.56 -12.78 4.31
C PHE B 148 26.03 -11.44 4.69
N PHE B 149 26.13 -11.10 5.97
CA PHE B 149 25.66 -9.82 6.48
C PHE B 149 26.81 -9.01 7.05
N PRO B 150 26.78 -7.69 6.89
CA PRO B 150 27.64 -6.80 7.68
C PRO B 150 27.21 -6.82 9.14
N ARG B 151 28.13 -6.60 10.07
CA ARG B 151 27.74 -6.57 11.48
C ARG B 151 27.07 -5.25 11.86
N HIS B 152 26.28 -5.32 12.92
CA HIS B 152 25.65 -4.16 13.51
C HIS B 152 25.45 -4.45 15.01
N PRO B 153 25.65 -3.42 15.84
CA PRO B 153 25.51 -3.51 17.32
C PRO B 153 24.35 -4.31 17.94
N GLY B 154 23.12 -3.97 17.57
CA GLY B 154 21.94 -4.54 18.19
C GLY B 154 21.36 -5.66 17.37
N ILE B 155 22.12 -6.15 16.39
CA ILE B 155 21.65 -7.17 15.46
C ILE B 155 22.44 -8.45 15.70
N GLU B 156 21.73 -9.55 15.86
CA GLU B 156 22.37 -10.85 15.91
C GLU B 156 22.30 -11.49 14.55
N ILE B 157 23.38 -12.19 14.21
CA ILE B 157 23.47 -13.00 13.00
C ILE B 157 23.42 -14.46 13.41
N VAL B 158 22.61 -15.25 12.73
CA VAL B 158 22.71 -16.70 12.89
C VAL B 158 23.02 -17.36 11.57
N ASN B 159 24.12 -18.11 11.55
CA ASN B 159 24.46 -19.00 10.45
C ASN B 159 23.74 -20.32 10.67
N ILE B 160 22.79 -20.62 9.82
CA ILE B 160 21.89 -21.76 9.99
C ILE B 160 22.45 -23.01 9.30
N ALA B 161 22.63 -22.95 7.98
CA ALA B 161 23.14 -24.10 7.25
C ALA B 161 23.94 -23.69 6.02
N GLN B 162 24.54 -24.70 5.39
CA GLN B 162 25.38 -24.55 4.20
C GLN B 162 24.75 -25.26 3.01
N GLU B 163 25.01 -24.70 1.84
CA GLU B 163 24.37 -25.09 0.61
C GLU B 163 25.48 -25.37 -0.40
N ASP B 164 25.39 -26.48 -1.11
CA ASP B 164 26.41 -26.80 -2.10
C ASP B 164 26.29 -25.84 -3.30
N LEU B 165 27.38 -25.66 -4.05
CA LEU B 165 27.32 -24.85 -5.26
C LEU B 165 27.23 -25.73 -6.47
N TYR B 166 26.61 -25.19 -7.53
CA TYR B 166 26.39 -25.91 -8.77
C TYR B 166 26.77 -25.05 -9.96
N LEU B 167 27.41 -25.63 -10.97
CA LEU B 167 27.60 -24.93 -12.23
C LEU B 167 26.28 -24.99 -12.99
N ALA B 168 25.93 -23.86 -13.59
CA ALA B 168 24.72 -23.78 -14.39
C ALA B 168 25.15 -23.44 -15.79
N VAL B 169 24.77 -24.29 -16.75
CA VAL B 169 24.98 -24.03 -18.17
C VAL B 169 23.72 -24.28 -18.98
N HIS B 170 23.66 -23.77 -20.20
CA HIS B 170 22.64 -24.15 -21.16
C HIS B 170 22.62 -25.66 -21.40
N ARG B 171 21.44 -26.21 -21.66
CA ARG B 171 21.29 -27.66 -21.94
C ARG B 171 22.23 -28.18 -23.04
N SER B 172 22.57 -27.31 -23.99
CA SER B 172 23.41 -27.69 -25.13
C SER B 172 24.81 -28.10 -24.69
N GLN B 173 25.31 -27.42 -23.66
CA GLN B 173 26.64 -27.66 -23.08
C GLN B 173 26.64 -28.70 -21.97
N SER B 174 25.49 -29.26 -21.65
CA SER B 174 25.40 -30.20 -20.52
C SER B 174 26.53 -31.24 -20.59
N GLY B 175 26.73 -31.84 -21.77
CA GLY B 175 27.68 -32.92 -21.97
C GLY B 175 29.11 -32.64 -21.53
N LYS B 176 29.60 -31.42 -21.77
CA LYS B 176 30.96 -30.94 -21.38
C LYS B 176 31.45 -31.23 -19.95
N PHE B 177 30.55 -31.36 -18.99
CA PHE B 177 30.93 -31.45 -17.58
C PHE B 177 30.34 -32.67 -16.89
N GLY B 178 29.11 -33.03 -17.26
CA GLY B 178 28.42 -34.17 -16.69
C GLY B 178 27.71 -33.79 -15.39
N LYS B 179 27.76 -34.70 -14.43
CA LYS B 179 26.98 -34.61 -13.18
C LYS B 179 27.75 -33.82 -12.14
N THR B 180 29.09 -33.85 -12.25
CA THR B 180 29.99 -33.04 -11.41
C THR B 180 31.23 -32.49 -12.13
N CYS B 181 31.87 -31.56 -11.43
CA CYS B 181 33.03 -30.85 -11.94
C CYS B 181 33.78 -30.29 -10.73
N LYS B 182 35.00 -29.86 -10.98
CA LYS B 182 35.82 -29.19 -9.98
C LYS B 182 36.04 -27.73 -10.44
N LEU B 183 36.46 -26.90 -9.51
CA LEU B 183 36.68 -25.50 -9.85
C LEU B 183 37.67 -25.42 -11.02
N ALA B 184 38.70 -26.27 -10.99
CA ALA B 184 39.75 -26.26 -12.00
C ALA B 184 39.32 -26.74 -13.41
N ASP B 185 38.15 -27.39 -13.52
CA ASP B 185 37.51 -27.67 -14.84
C ASP B 185 36.92 -26.43 -15.49
N LEU B 186 36.80 -25.37 -14.72
CA LEU B 186 36.04 -24.21 -15.15
C LEU B 186 36.88 -23.04 -15.60
N ARG B 187 38.19 -23.22 -15.75
CA ARG B 187 39.03 -22.03 -16.06
C ARG B 187 38.78 -21.36 -17.40
N ALA B 188 38.08 -22.01 -18.32
CA ALA B 188 37.80 -21.46 -19.65
C ALA B 188 36.32 -21.05 -19.86
N VAL B 189 35.51 -21.21 -18.83
CA VAL B 189 34.11 -20.92 -18.88
C VAL B 189 33.89 -19.49 -18.48
N GLU B 190 33.23 -18.74 -19.35
CA GLU B 190 32.86 -17.35 -19.06
C GLU B 190 31.65 -17.29 -18.09
N LEU B 191 31.91 -16.87 -16.87
CA LEU B 191 30.91 -16.90 -15.81
C LEU B 191 30.17 -15.60 -15.67
N THR B 192 28.88 -15.71 -15.45
CA THR B 192 28.03 -14.58 -15.04
C THR B 192 27.69 -14.72 -13.57
N LEU B 193 28.17 -13.81 -12.74
CA LEU B 193 27.87 -13.85 -11.31
C LEU B 193 26.78 -12.87 -10.92
N PHE B 194 26.47 -12.83 -9.64
CA PHE B 194 25.42 -12.02 -9.08
C PHE B 194 25.55 -12.08 -7.56
N PRO B 195 24.99 -11.14 -6.82
CA PRO B 195 24.55 -9.84 -7.32
C PRO B 195 25.69 -8.87 -7.32
N ARG B 196 25.58 -7.77 -8.04
CA ARG B 196 26.50 -6.66 -7.81
C ARG B 196 25.82 -5.90 -6.74
N GLY B 197 26.56 -5.26 -5.87
CA GLY B 197 25.90 -4.40 -4.91
C GLY B 197 26.00 -4.81 -3.45
N GLY B 198 25.06 -5.65 -2.98
CA GLY B 198 24.95 -5.96 -1.57
C GLY B 198 26.12 -6.77 -1.06
N ARG B 199 27.25 -6.09 -0.85
CA ARG B 199 28.55 -6.72 -0.65
C ARG B 199 28.97 -6.58 0.78
N PRO B 200 29.81 -7.48 1.33
CA PRO B 200 30.06 -8.85 0.85
C PRO B 200 28.87 -9.66 0.32
N SER B 201 29.01 -10.16 -0.90
CA SER B 201 27.95 -10.88 -1.58
C SER B 201 28.38 -12.28 -1.97
N PHE B 202 27.44 -13.01 -2.56
CA PHE B 202 27.66 -14.37 -3.05
C PHE B 202 28.78 -14.32 -4.07
N ALA B 203 28.72 -13.36 -4.97
CA ALA B 203 29.72 -13.21 -6.03
C ALA B 203 31.14 -13.19 -5.54
N ASP B 204 31.39 -12.36 -4.52
CA ASP B 204 32.69 -12.24 -3.88
C ASP B 204 33.18 -13.56 -3.36
N GLU B 205 32.27 -14.35 -2.78
CA GLU B 205 32.60 -15.64 -2.20
C GLU B 205 32.99 -16.62 -3.30
N VAL B 206 32.30 -16.57 -4.42
CA VAL B 206 32.58 -17.50 -5.51
C VAL B 206 33.99 -17.21 -5.98
N ILE B 207 34.27 -15.92 -6.16
CA ILE B 207 35.57 -15.44 -6.62
C ILE B 207 36.64 -15.85 -5.63
N GLY B 208 36.42 -15.52 -4.35
CA GLY B 208 37.23 -16.05 -3.25
C GLY B 208 37.55 -17.55 -3.31
N LEU B 209 36.57 -18.37 -3.67
CA LEU B 209 36.80 -19.81 -3.65
C LEU B 209 37.71 -20.27 -4.80
N PHE B 210 37.66 -19.55 -5.92
CA PHE B 210 38.55 -19.76 -7.06
C PHE B 210 39.95 -19.30 -6.66
N LYS B 211 40.07 -18.11 -6.06
CA LYS B 211 41.38 -17.62 -5.61
C LYS B 211 42.07 -18.67 -4.74
N HIS B 212 41.36 -19.11 -3.70
CA HIS B 212 41.84 -20.13 -2.77
C HIS B 212 42.23 -21.39 -3.52
N ALA B 213 41.47 -21.72 -4.56
CA ALA B 213 41.73 -22.90 -5.39
C ALA B 213 42.89 -22.72 -6.35
N GLY B 214 43.41 -21.50 -6.43
CA GLY B 214 44.54 -21.19 -7.27
C GLY B 214 44.16 -21.08 -8.74
N ILE B 215 42.89 -20.80 -9.00
CA ILE B 215 42.40 -20.58 -10.34
C ILE B 215 41.91 -19.13 -10.45
N GLU B 216 42.28 -18.50 -11.56
CA GLU B 216 41.71 -17.22 -11.96
C GLU B 216 40.45 -17.46 -12.79
N PRO B 217 39.28 -17.06 -12.30
CA PRO B 217 38.06 -17.26 -13.07
C PRO B 217 37.94 -16.22 -14.21
N ARG B 218 37.32 -16.66 -15.30
CA ARG B 218 36.96 -15.79 -16.40
C ARG B 218 35.57 -15.27 -16.08
N ILE B 219 35.50 -14.06 -15.55
CA ILE B 219 34.24 -13.39 -15.18
C ILE B 219 33.80 -12.47 -16.30
N ALA B 220 32.82 -12.91 -17.09
CA ALA B 220 32.23 -12.08 -18.12
C ALA B 220 31.48 -10.86 -17.58
N ARG B 221 30.82 -11.02 -16.43
CA ARG B 221 29.95 -9.98 -15.88
C ARG B 221 29.38 -10.34 -14.53
N VAL B 222 29.14 -9.30 -13.73
CA VAL B 222 28.28 -9.42 -12.59
C VAL B 222 26.95 -8.72 -12.89
N VAL B 223 25.88 -9.54 -12.96
CA VAL B 223 24.52 -9.06 -13.16
C VAL B 223 23.82 -8.82 -11.83
N GLU B 224 22.61 -8.25 -11.88
CA GLU B 224 21.97 -7.68 -10.70
C GLU B 224 21.43 -8.66 -9.64
N ASP B 225 20.94 -9.82 -10.07
CA ASP B 225 20.48 -10.88 -9.15
C ASP B 225 20.48 -12.23 -9.87
N ALA B 226 20.12 -13.28 -9.15
CA ALA B 226 20.05 -14.65 -9.69
C ALA B 226 19.10 -14.76 -10.88
N THR B 227 18.00 -14.02 -10.83
CA THR B 227 16.98 -14.03 -11.87
C THR B 227 17.55 -13.62 -13.25
N ALA B 228 18.53 -12.70 -13.25
CA ALA B 228 19.17 -12.28 -14.50
C ALA B 228 20.13 -13.36 -14.95
N ALA B 229 20.90 -13.89 -14.02
CA ALA B 229 21.82 -14.95 -14.34
C ALA B 229 21.09 -16.13 -14.98
N LEU B 230 20.00 -16.56 -14.36
CA LEU B 230 19.31 -17.77 -14.79
C LEU B 230 18.57 -17.59 -16.12
N ALA B 231 17.88 -16.48 -16.27
CA ALA B 231 17.27 -16.07 -17.54
C ALA B 231 18.27 -16.10 -18.70
N LEU B 232 19.44 -15.51 -18.49
CA LEU B 232 20.47 -15.42 -19.52
C LEU B 232 21.05 -16.80 -19.83
N THR B 233 21.13 -17.63 -18.81
CA THR B 233 21.60 -18.99 -19.00
C THR B 233 20.56 -19.79 -19.77
N MET B 234 19.30 -19.59 -19.44
CA MET B 234 18.18 -20.21 -20.17
C MET B 234 18.16 -19.74 -21.63
N ALA B 235 18.57 -18.50 -21.88
CA ALA B 235 18.61 -17.96 -23.25
C ALA B 235 19.88 -18.39 -24.03
N GLY B 236 20.78 -19.13 -23.38
CA GLY B 236 21.98 -19.63 -24.06
C GLY B 236 23.11 -18.61 -24.06
N ALA B 237 22.88 -17.53 -23.34
CA ALA B 237 23.74 -16.36 -23.37
C ALA B 237 24.82 -16.38 -22.31
N ALA B 238 24.80 -17.36 -21.41
CA ALA B 238 25.65 -17.34 -20.23
C ALA B 238 25.81 -18.71 -19.52
N SER B 239 26.81 -18.76 -18.64
CA SER B 239 26.92 -19.79 -17.63
C SER B 239 27.05 -19.08 -16.30
N SER B 240 26.77 -19.81 -15.24
CA SER B 240 26.80 -19.19 -13.95
C SER B 240 27.09 -20.26 -12.88
N ILE B 241 27.15 -19.81 -11.63
CA ILE B 241 27.30 -20.68 -10.49
C ILE B 241 26.24 -20.30 -9.47
N VAL B 242 25.51 -21.29 -8.98
CA VAL B 242 24.37 -21.01 -8.14
C VAL B 242 24.35 -21.93 -6.92
N PRO B 243 23.78 -21.48 -5.80
CA PRO B 243 23.52 -22.38 -4.65
C PRO B 243 22.55 -23.52 -4.96
N ALA B 244 22.57 -24.52 -4.12
CA ALA B 244 21.69 -25.69 -4.21
C ALA B 244 20.16 -25.36 -4.30
N SER B 245 19.68 -24.36 -3.56
CA SER B 245 18.29 -23.88 -3.72
C SER B 245 17.88 -23.72 -5.18
N VAL B 246 18.72 -23.01 -5.93
CA VAL B 246 18.51 -22.83 -7.35
C VAL B 246 18.63 -24.17 -8.09
N ALA B 247 19.65 -24.97 -7.74
CA ALA B 247 19.86 -26.27 -8.40
C ALA B 247 18.72 -27.27 -8.18
N ALA B 248 18.01 -27.13 -7.07
CA ALA B 248 16.92 -28.04 -6.73
C ALA B 248 15.73 -27.85 -7.68
N ILE B 249 15.55 -26.63 -8.17
CA ILE B 249 14.53 -26.37 -9.16
C ILE B 249 15.03 -26.82 -10.51
N ARG B 250 14.11 -27.24 -11.36
CA ARG B 250 14.42 -27.81 -12.67
C ARG B 250 13.93 -26.87 -13.75
N TRP B 251 14.86 -26.09 -14.32
CA TRP B 251 14.49 -25.03 -15.26
C TRP B 251 14.59 -25.64 -16.66
N PRO B 252 13.68 -25.32 -17.55
CA PRO B 252 13.85 -25.81 -18.91
C PRO B 252 15.08 -25.15 -19.51
N ASP B 253 15.84 -25.92 -20.28
CA ASP B 253 17.05 -25.46 -20.94
C ASP B 253 18.24 -25.15 -20.01
N ILE B 254 18.13 -25.34 -18.70
CA ILE B 254 19.31 -25.17 -17.85
C ILE B 254 19.73 -26.52 -17.29
N ALA B 255 21.04 -26.76 -17.28
CA ALA B 255 21.65 -27.98 -16.72
C ALA B 255 22.63 -27.59 -15.62
N PHE B 256 22.72 -28.43 -14.57
CA PHE B 256 23.64 -28.21 -13.46
C PHE B 256 24.66 -29.34 -13.25
N ALA B 257 25.90 -28.97 -12.92
CA ALA B 257 26.90 -29.90 -12.42
C ALA B 257 27.39 -29.44 -11.05
N ARG B 258 27.26 -30.32 -10.05
CA ARG B 258 27.70 -30.00 -8.69
C ARG B 258 29.20 -29.77 -8.69
N ILE B 259 29.62 -28.69 -8.02
CA ILE B 259 31.04 -28.43 -7.89
C ILE B 259 31.46 -29.15 -6.64
N VAL B 260 32.37 -30.12 -6.80
CA VAL B 260 32.87 -30.94 -5.70
C VAL B 260 34.02 -30.26 -4.95
N GLY B 261 34.08 -30.49 -3.66
CA GLY B 261 35.02 -29.82 -2.79
C GLY B 261 34.22 -29.62 -1.53
N THR B 262 34.81 -29.94 -0.38
CA THR B 262 34.12 -29.83 0.90
C THR B 262 33.94 -28.36 1.30
N ARG B 263 34.79 -27.51 0.73
CA ARG B 263 34.82 -26.10 1.12
C ARG B 263 33.88 -25.30 0.24
N VAL B 264 33.40 -25.91 -0.84
CA VAL B 264 32.59 -25.20 -1.84
C VAL B 264 31.12 -25.20 -1.47
N LYS B 265 30.78 -24.33 -0.53
CA LYS B 265 29.44 -24.18 0.02
C LYS B 265 29.18 -22.69 0.28
N VAL B 266 27.93 -22.29 0.39
CA VAL B 266 27.65 -20.96 0.93
C VAL B 266 26.59 -21.04 2.02
N PRO B 267 26.70 -20.20 3.06
CA PRO B 267 25.74 -20.25 4.16
C PRO B 267 24.43 -19.62 3.79
N ILE B 268 23.36 -20.03 4.47
CA ILE B 268 22.16 -19.23 4.58
C ILE B 268 22.14 -18.72 6.02
N SER B 269 21.82 -17.45 6.16
CA SER B 269 21.88 -16.78 7.45
C SER B 269 20.65 -15.92 7.64
N CYS B 270 20.45 -15.46 8.86
CA CYS B 270 19.37 -14.55 9.14
C CYS B 270 19.79 -13.58 10.23
N ILE B 271 19.23 -12.39 10.19
CA ILE B 271 19.46 -11.41 11.24
C ILE B 271 18.16 -10.97 11.89
N PHE B 272 18.28 -10.61 13.17
CA PHE B 272 17.20 -10.02 13.91
C PHE B 272 17.75 -9.17 15.06
N ARG B 273 16.95 -8.18 15.48
CA ARG B 273 17.28 -7.26 16.59
C ARG B 273 17.10 -8.03 17.86
N LYS B 274 18.14 -8.09 18.68
CA LYS B 274 18.15 -9.00 19.82
C LYS B 274 17.35 -8.57 21.04
N GLU B 275 17.17 -7.26 21.27
CA GLU B 275 16.60 -6.81 22.56
C GLU B 275 15.08 -7.06 22.76
N LYS B 276 14.24 -6.18 22.22
CA LYS B 276 12.82 -6.22 22.49
C LYS B 276 12.12 -7.14 21.47
N GLN B 277 12.36 -8.44 21.57
CA GLN B 277 11.80 -9.40 20.64
C GLN B 277 10.35 -9.65 21.00
N PRO B 278 9.44 -9.32 20.09
CA PRO B 278 8.03 -9.72 20.25
C PRO B 278 7.95 -11.23 20.27
N PRO B 279 6.97 -11.79 20.96
CA PRO B 279 6.91 -13.24 21.16
C PRO B 279 6.88 -14.08 19.87
N ILE B 280 6.24 -13.62 18.80
CA ILE B 280 6.21 -14.38 17.53
C ILE B 280 7.61 -14.53 16.91
N LEU B 281 8.44 -13.51 17.08
CA LEU B 281 9.85 -13.58 16.70
C LEU B 281 10.60 -14.51 17.61
N ALA B 282 10.38 -14.45 18.91
CA ALA B 282 11.06 -15.36 19.83
C ALA B 282 10.82 -16.81 19.44
N ARG B 283 9.60 -17.11 19.01
CA ARG B 283 9.24 -18.45 18.57
C ARG B 283 9.98 -18.91 17.34
N PHE B 284 10.13 -17.98 16.39
CA PHE B 284 10.85 -18.25 15.14
C PHE B 284 12.32 -18.46 15.38
N VAL B 285 12.86 -17.83 16.42
CA VAL B 285 14.28 -17.90 16.76
C VAL B 285 14.59 -19.28 17.41
N GLU B 286 13.67 -19.80 18.22
CA GLU B 286 13.80 -21.16 18.70
C GLU B 286 13.89 -22.09 17.49
N HIS B 287 13.06 -21.88 16.47
CA HIS B 287 13.12 -22.75 15.30
C HIS B 287 14.37 -22.55 14.43
N VAL B 288 14.91 -21.34 14.46
CA VAL B 288 16.14 -21.04 13.77
C VAL B 288 17.35 -21.71 14.43
N ARG B 289 17.34 -21.80 15.76
CA ARG B 289 18.50 -22.27 16.51
C ARG B 289 18.65 -23.78 16.46
N ARG B 290 17.51 -24.47 16.51
CA ARG B 290 17.49 -25.93 16.48
C ARG B 290 17.72 -26.44 15.06
N SER B 291 17.38 -25.62 14.07
CA SER B 291 17.68 -25.92 12.68
C SER B 291 19.19 -25.79 12.41
N ALA B 292 19.85 -24.88 13.11
CA ALA B 292 21.30 -24.70 12.99
C ALA B 292 22.17 -25.76 13.72
N LYS B 293 21.57 -26.57 14.62
CA LYS B 293 22.23 -27.78 15.18
C LYS B 293 22.15 -28.95 14.18
N ASP B 294 20.99 -29.09 13.55
CA ASP B 294 20.76 -30.07 12.46
C ASP B 294 21.61 -29.77 11.20
N MET C 1 27.06 22.16 -17.26
CA MET C 1 27.07 20.78 -16.73
C MET C 1 28.40 20.08 -17.06
N GLU C 2 28.74 19.04 -16.29
CA GLU C 2 29.98 18.28 -16.46
C GLU C 2 29.97 16.94 -15.72
N PHE C 3 30.78 15.99 -16.18
CA PHE C 3 30.75 14.61 -15.67
C PHE C 3 31.27 14.44 -14.25
N ARG C 4 32.24 15.24 -13.85
CA ARG C 4 32.78 15.18 -12.48
C ARG C 4 31.68 15.60 -11.50
N GLN C 5 30.90 16.59 -11.90
CA GLN C 5 29.82 17.16 -11.08
C GLN C 5 28.75 16.12 -10.77
N LEU C 6 28.34 15.39 -11.80
CA LEU C 6 27.34 14.34 -11.65
C LEU C 6 27.81 13.21 -10.73
N LYS C 7 29.08 12.84 -10.76
CA LYS C 7 29.59 11.85 -9.81
C LYS C 7 29.60 12.45 -8.41
N TYR C 8 30.05 13.70 -8.33
CA TYR C 8 30.19 14.39 -7.04
C TYR C 8 28.85 14.71 -6.40
N PHE C 9 27.83 14.96 -7.21
CA PHE C 9 26.51 15.30 -6.71
C PHE C 9 25.88 14.06 -6.13
N ILE C 10 26.01 12.96 -6.88
CA ILE C 10 25.54 11.64 -6.45
C ILE C 10 26.28 11.24 -5.18
N ALA C 11 27.54 11.61 -5.07
CA ALA C 11 28.30 11.28 -3.89
C ALA C 11 27.62 11.94 -2.70
N VAL C 12 27.50 13.26 -2.77
CA VAL C 12 26.97 14.07 -1.68
C VAL C 12 25.53 13.72 -1.27
N ALA C 13 24.76 13.18 -2.22
CA ALA C 13 23.35 12.84 -1.97
C ALA C 13 23.19 11.56 -1.18
N GLU C 14 23.81 10.49 -1.68
CA GLU C 14 23.76 9.13 -1.11
C GLU C 14 24.37 9.03 0.31
N ALA C 15 25.36 9.88 0.57
CA ALA C 15 26.06 9.93 1.85
C ALA C 15 25.34 10.79 2.89
N GLY C 16 24.61 11.80 2.42
CA GLY C 16 23.82 12.68 3.27
C GLY C 16 24.64 13.62 4.12
N ASN C 17 25.88 13.84 3.70
CA ASN C 17 26.92 14.42 4.55
C ASN C 17 28.16 14.82 3.73
N MET C 18 28.76 15.95 4.09
CA MET C 18 29.94 16.43 3.41
C MET C 18 31.20 15.62 3.80
N ALA C 19 31.47 15.47 5.11
CA ALA C 19 32.63 14.67 5.59
C ALA C 19 32.60 13.20 5.17
N ALA C 20 31.42 12.57 5.16
CA ALA C 20 31.29 11.18 4.73
C ALA C 20 31.65 11.03 3.24
N ALA C 21 31.39 12.09 2.47
CA ALA C 21 31.58 12.05 1.01
C ALA C 21 33.02 12.35 0.58
N ALA C 22 33.77 13.05 1.43
CA ALA C 22 35.21 13.18 1.26
C ALA C 22 35.85 11.80 1.25
N LYS C 23 35.33 10.91 2.09
CA LYS C 23 35.86 9.55 2.25
C LYS C 23 35.69 8.70 0.98
N ARG C 24 34.47 8.66 0.43
CA ARG C 24 34.18 7.74 -0.67
C ARG C 24 34.73 8.22 -2.05
N LEU C 25 35.05 9.52 -2.14
CA LEU C 25 35.72 10.07 -3.33
C LEU C 25 37.26 10.10 -3.19
N HIS C 26 37.74 10.04 -1.95
CA HIS C 26 39.18 10.15 -1.61
C HIS C 26 39.77 11.53 -2.01
N VAL C 27 38.92 12.55 -2.03
CA VAL C 27 39.34 13.94 -2.22
C VAL C 27 38.90 14.73 -0.98
N SER C 28 39.18 16.04 -0.98
CA SER C 28 38.81 16.94 0.13
C SER C 28 37.51 17.69 -0.14
N GLN C 29 36.98 18.33 0.91
CA GLN C 29 35.65 18.96 0.91
C GLN C 29 35.51 20.23 0.06
N PRO C 30 36.43 21.19 0.20
CA PRO C 30 36.33 22.45 -0.58
C PRO C 30 36.22 22.32 -2.10
N PRO C 31 36.95 21.42 -2.79
CA PRO C 31 36.78 21.23 -4.23
C PRO C 31 35.50 20.52 -4.63
N ILE C 32 34.93 19.69 -3.74
CA ILE C 32 33.58 19.14 -3.97
C ILE C 32 32.57 20.29 -3.95
N THR C 33 32.61 21.07 -2.89
CA THR C 33 31.80 22.28 -2.77
C THR C 33 31.88 23.24 -3.98
N ARG C 34 33.08 23.51 -4.48
CA ARG C 34 33.24 24.43 -5.63
C ARG C 34 32.71 23.79 -6.92
N GLN C 35 32.72 22.47 -6.97
CA GLN C 35 32.13 21.72 -8.07
C GLN C 35 30.60 21.71 -7.98
N MET C 36 30.07 21.84 -6.77
CA MET C 36 28.63 21.88 -6.56
C MET C 36 28.07 23.25 -6.87
N GLN C 37 28.84 24.30 -6.59
CA GLN C 37 28.45 25.65 -6.99
C GLN C 37 28.69 25.86 -8.49
N ALA C 38 29.44 24.95 -9.10
CA ALA C 38 29.61 24.93 -10.54
C ALA C 38 28.37 24.35 -11.21
N LEU C 39 27.94 23.18 -10.74
CA LEU C 39 26.71 22.54 -11.23
C LEU C 39 25.54 23.45 -11.04
N GLU C 40 25.36 23.94 -9.81
CA GLU C 40 24.22 24.78 -9.43
C GLU C 40 24.11 26.00 -10.36
N ALA C 41 25.25 26.61 -10.67
CA ALA C 41 25.27 27.78 -11.56
C ALA C 41 25.01 27.41 -13.03
N ASP C 42 25.57 26.30 -13.50
CA ASP C 42 25.31 25.82 -14.86
C ASP C 42 23.81 25.50 -15.10
N LEU C 43 23.14 25.01 -14.06
CA LEU C 43 21.73 24.58 -14.14
C LEU C 43 20.78 25.75 -13.86
N GLY C 44 21.21 26.67 -12.98
CA GLY C 44 20.41 27.81 -12.60
C GLY C 44 19.44 27.48 -11.47
N VAL C 45 19.88 26.66 -10.54
CA VAL C 45 19.02 26.06 -9.54
C VAL C 45 19.83 25.62 -8.33
N VAL C 46 19.30 25.83 -7.13
CA VAL C 46 19.89 25.28 -5.90
C VAL C 46 19.53 23.79 -5.76
N LEU C 47 20.52 22.90 -5.82
CA LEU C 47 20.30 21.46 -5.67
C LEU C 47 20.40 20.99 -4.24
N LEU C 48 21.14 21.74 -3.43
CA LEU C 48 21.49 21.32 -2.07
C LEU C 48 21.30 22.43 -1.05
N GLU C 49 20.91 22.04 0.15
CA GLU C 49 20.78 22.94 1.29
C GLU C 49 21.83 22.48 2.30
N ARG C 50 22.94 23.21 2.37
CA ARG C 50 24.04 22.85 3.28
C ARG C 50 23.71 23.28 4.73
N SER C 51 23.03 22.38 5.46
CA SER C 51 22.38 22.68 6.75
C SER C 51 23.06 21.98 7.96
N HIS C 52 22.31 21.76 9.06
CA HIS C 52 22.89 21.43 10.39
C HIS C 52 23.03 19.94 10.67
N ARG C 53 21.88 19.26 10.71
CA ARG C 53 21.81 17.82 11.07
C ARG C 53 22.01 16.92 9.82
N GLY C 54 22.93 17.36 8.95
CA GLY C 54 23.19 16.74 7.67
C GLY C 54 23.28 17.74 6.53
N ILE C 55 22.63 17.40 5.43
CA ILE C 55 22.67 18.21 4.22
C ILE C 55 21.63 17.62 3.26
N GLU C 56 20.64 18.44 2.91
CA GLU C 56 19.43 17.99 2.22
C GLU C 56 19.39 18.39 0.76
N LEU C 57 18.69 17.59 -0.05
CA LEU C 57 18.37 17.97 -1.42
C LEU C 57 17.12 18.84 -1.44
N THR C 58 17.10 19.81 -2.34
CA THR C 58 15.89 20.57 -2.64
C THR C 58 15.07 19.73 -3.59
N ALA C 59 13.92 20.25 -4.02
CA ALA C 59 13.07 19.49 -4.91
C ALA C 59 13.74 19.34 -6.28
N ALA C 60 14.43 20.38 -6.71
CA ALA C 60 15.23 20.32 -7.92
C ALA C 60 16.36 19.27 -7.86
N GLY C 61 16.95 19.14 -6.68
CA GLY C 61 17.98 18.15 -6.41
C GLY C 61 17.48 16.74 -6.64
N HIS C 62 16.35 16.39 -6.02
CA HIS C 62 15.77 15.05 -6.14
C HIS C 62 15.48 14.72 -7.59
N ALA C 63 14.92 15.68 -8.31
CA ALA C 63 14.57 15.50 -9.71
C ALA C 63 15.81 15.26 -10.56
N PHE C 64 16.86 16.02 -10.27
CA PHE C 64 18.08 15.97 -11.05
C PHE C 64 18.92 14.73 -10.76
N LEU C 65 18.92 14.33 -9.48
CA LEU C 65 19.66 13.18 -8.96
C LEU C 65 19.29 11.96 -9.75
N GLU C 66 18.00 11.80 -9.99
CA GLU C 66 17.47 10.76 -10.84
C GLU C 66 18.05 10.87 -12.24
N ASP C 67 18.09 12.07 -12.78
CA ASP C 67 18.60 12.29 -14.14
C ASP C 67 20.12 12.14 -14.25
N ALA C 68 20.85 12.60 -13.23
CA ALA C 68 22.29 12.52 -13.22
C ALA C 68 22.74 11.07 -13.22
N ARG C 69 22.02 10.21 -12.51
CA ARG C 69 22.20 8.77 -12.59
C ARG C 69 22.11 8.28 -14.00
N ARG C 70 21.02 8.67 -14.64
CA ARG C 70 20.71 8.14 -15.97
C ARG C 70 21.72 8.64 -16.99
N ILE C 71 22.21 9.86 -16.81
CA ILE C 71 23.21 10.45 -17.70
C ILE C 71 24.54 9.67 -17.66
N LEU C 72 24.99 9.28 -16.46
CA LEU C 72 26.24 8.54 -16.34
C LEU C 72 26.08 7.12 -16.86
N GLU C 73 24.87 6.59 -16.82
CA GLU C 73 24.53 5.29 -17.38
C GLU C 73 24.60 5.32 -18.92
N LEU C 74 24.01 6.35 -19.52
CA LEU C 74 23.94 6.46 -20.98
C LEU C 74 25.34 6.51 -21.54
N ALA C 75 26.18 7.32 -20.90
CA ALA C 75 27.56 7.49 -21.29
C ALA C 75 28.36 6.20 -21.10
N GLY C 76 28.13 5.49 -20.00
CA GLY C 76 28.77 4.21 -19.77
C GLY C 76 28.42 3.17 -20.82
N ARG C 77 27.14 3.11 -21.20
CA ARG C 77 26.64 2.19 -22.24
C ARG C 77 27.04 2.65 -23.64
N SER C 78 27.44 3.91 -23.77
CA SER C 78 27.83 4.51 -25.05
C SER C 78 29.31 4.31 -25.31
N GLY C 79 30.10 4.18 -24.24
CA GLY C 79 31.50 3.82 -24.36
C GLY C 79 31.65 2.35 -24.74
N ASP C 80 30.76 1.53 -24.22
CA ASP C 80 30.69 0.13 -24.56
C ASP C 80 30.31 -0.03 -26.01
N ARG C 81 29.47 0.86 -26.51
CA ARG C 81 28.91 0.74 -27.85
C ARG C 81 29.96 1.04 -28.91
N SER C 82 30.91 1.94 -28.61
CA SER C 82 31.96 2.31 -29.57
C SER C 82 33.06 1.25 -29.64
N ARG C 83 33.43 0.72 -28.48
CA ARG C 83 34.33 -0.44 -28.40
C ARG C 83 33.74 -1.63 -29.14
N ALA C 84 32.42 -1.76 -29.07
CA ALA C 84 31.69 -2.83 -29.73
C ALA C 84 31.64 -2.70 -31.24
N ALA C 85 31.48 -1.50 -31.77
CA ALA C 85 31.42 -1.35 -33.22
C ALA C 85 32.84 -1.48 -33.80
N ALA C 86 33.84 -1.15 -32.98
CA ALA C 86 35.22 -1.22 -33.41
C ALA C 86 35.60 -2.67 -33.68
N ARG C 87 35.25 -3.56 -32.74
CA ARG C 87 35.53 -4.99 -32.84
C ARG C 87 34.69 -5.71 -33.91
N GLY C 88 33.66 -5.02 -34.40
CA GLY C 88 32.72 -5.59 -35.35
C GLY C 88 31.45 -6.14 -34.69
N ASP C 89 31.36 -6.05 -33.37
CA ASP C 89 30.16 -6.45 -32.63
C ASP C 89 28.95 -5.51 -32.88
N VAL C 90 27.77 -6.08 -32.64
CA VAL C 90 26.52 -5.36 -32.76
C VAL C 90 26.24 -4.58 -31.48
N GLY C 91 26.83 -5.01 -30.36
CA GLY C 91 26.72 -4.27 -29.12
C GLY C 91 25.58 -4.72 -28.24
N GLU C 92 25.43 -4.09 -27.07
CA GLU C 92 24.55 -4.63 -26.03
C GLU C 92 23.11 -4.07 -26.19
N LEU C 93 22.14 -5.00 -26.14
CA LEU C 93 20.71 -4.70 -26.05
C LEU C 93 20.31 -4.60 -24.59
N SER C 94 19.92 -3.41 -24.18
CA SER C 94 19.55 -3.14 -22.79
C SER C 94 18.05 -3.44 -22.59
N VAL C 95 17.74 -4.53 -21.90
CA VAL C 95 16.36 -5.02 -21.80
C VAL C 95 15.90 -4.96 -20.36
N ALA C 96 14.66 -4.54 -20.19
CA ALA C 96 14.03 -4.47 -18.89
C ALA C 96 12.77 -5.31 -18.88
N TYR C 97 12.38 -5.68 -17.66
CA TYR C 97 11.27 -6.60 -17.45
C TYR C 97 10.50 -6.34 -16.16
N PHE C 98 9.21 -6.67 -16.20
CA PHE C 98 8.37 -6.70 -15.05
C PHE C 98 7.51 -7.95 -15.18
N GLY C 99 7.30 -8.65 -14.06
CA GLY C 99 6.47 -9.82 -14.03
C GLY C 99 7.10 -11.09 -14.55
N THR C 100 6.23 -12.05 -14.83
CA THR C 100 6.66 -13.43 -15.00
C THR C 100 7.11 -13.85 -16.39
N PRO C 101 7.05 -13.00 -17.41
CA PRO C 101 7.72 -13.34 -18.67
C PRO C 101 9.19 -13.74 -18.50
N ILE C 102 9.86 -13.22 -17.48
CA ILE C 102 11.28 -13.50 -17.23
C ILE C 102 11.57 -14.96 -16.94
N TYR C 103 10.54 -15.73 -16.59
CA TYR C 103 10.71 -17.11 -16.17
C TYR C 103 10.95 -18.06 -17.35
N ARG C 104 10.41 -17.72 -18.52
CA ARG C 104 10.41 -18.61 -19.67
C ARG C 104 10.19 -17.90 -21.03
N SER C 105 9.03 -17.26 -21.21
CA SER C 105 8.62 -16.74 -22.52
C SER C 105 9.66 -15.81 -23.07
N LEU C 106 10.23 -14.99 -22.18
CA LEU C 106 11.16 -13.92 -22.58
C LEU C 106 12.54 -14.46 -22.87
N PRO C 107 13.12 -15.30 -22.01
CA PRO C 107 14.32 -16.05 -22.38
C PRO C 107 14.23 -16.77 -23.71
N LEU C 108 13.13 -17.47 -23.97
CA LEU C 108 12.91 -18.15 -25.25
C LEU C 108 13.01 -17.18 -26.42
N LEU C 109 12.54 -15.98 -26.20
CA LEU C 109 12.53 -14.96 -27.20
C LEU C 109 13.92 -14.34 -27.40
N LEU C 110 14.68 -14.19 -26.32
CA LEU C 110 16.02 -13.66 -26.42
C LEU C 110 16.94 -14.70 -27.09
N ARG C 111 16.77 -15.96 -26.71
CA ARG C 111 17.38 -17.09 -27.38
C ARG C 111 17.23 -16.95 -28.89
N ALA C 112 16.01 -16.80 -29.38
CA ALA C 112 15.79 -16.81 -30.81
C ALA C 112 16.52 -15.64 -31.50
N PHE C 113 16.42 -14.47 -30.89
CA PHE C 113 17.08 -13.27 -31.38
C PHE C 113 18.61 -13.38 -31.37
N LEU C 114 19.15 -13.98 -30.32
CA LEU C 114 20.59 -14.07 -30.13
C LEU C 114 21.19 -15.06 -31.10
N THR C 115 20.41 -16.09 -31.42
CA THR C 115 20.77 -17.10 -32.40
C THR C 115 21.01 -16.54 -33.82
N SER C 116 20.26 -15.52 -34.22
CA SER C 116 20.41 -14.91 -35.54
C SER C 116 21.07 -13.52 -35.49
N THR C 117 21.73 -13.18 -34.39
CA THR C 117 22.44 -11.91 -34.25
C THR C 117 23.56 -12.19 -33.27
N PRO C 118 24.59 -12.89 -33.74
CA PRO C 118 25.37 -13.75 -32.86
C PRO C 118 26.50 -13.01 -32.12
N THR C 119 26.66 -11.71 -32.39
CA THR C 119 27.59 -10.87 -31.63
C THR C 119 26.88 -10.04 -30.57
N ALA C 120 25.59 -9.80 -30.80
CA ALA C 120 24.68 -9.24 -29.82
C ALA C 120 24.80 -9.90 -28.44
N THR C 121 24.87 -9.07 -27.41
CA THR C 121 24.74 -9.51 -26.02
C THR C 121 23.49 -8.87 -25.44
N VAL C 122 23.21 -9.16 -24.16
CA VAL C 122 22.00 -8.72 -23.51
C VAL C 122 22.24 -8.27 -22.06
N SER C 123 21.46 -7.28 -21.65
CA SER C 123 21.33 -6.82 -20.26
C SER C 123 19.89 -7.04 -19.79
N LEU C 124 19.73 -7.41 -18.53
CA LEU C 124 18.40 -7.58 -17.93
C LEU C 124 18.29 -6.79 -16.65
N THR C 125 17.31 -5.89 -16.59
CA THR C 125 17.03 -5.13 -15.36
C THR C 125 15.55 -5.20 -15.05
N HIS C 126 15.24 -5.55 -13.81
CA HIS C 126 13.91 -5.45 -13.31
C HIS C 126 13.63 -3.97 -13.05
N MET C 127 12.58 -3.49 -13.72
CA MET C 127 12.02 -2.15 -13.54
C MET C 127 10.47 -2.19 -13.60
N THR C 128 9.81 -1.32 -12.85
CA THR C 128 8.36 -1.15 -12.98
C THR C 128 7.97 -0.60 -14.37
N LYS C 129 6.70 -0.73 -14.74
CA LYS C 129 6.22 -0.18 -16.00
C LYS C 129 6.51 1.32 -16.15
N ASP C 130 6.61 2.04 -15.03
CA ASP C 130 6.96 3.47 -15.06
C ASP C 130 8.42 3.74 -15.26
N GLU C 131 9.28 3.05 -14.50
CA GLU C 131 10.72 3.19 -14.64
C GLU C 131 11.12 2.76 -16.05
N GLN C 132 10.39 1.80 -16.60
CA GLN C 132 10.64 1.31 -17.95
C GLN C 132 10.40 2.43 -18.97
N VAL C 133 9.38 3.25 -18.75
CA VAL C 133 9.10 4.30 -19.70
C VAL C 133 10.14 5.40 -19.61
N GLU C 134 10.46 5.84 -18.40
CA GLU C 134 11.52 6.82 -18.14
C GLU C 134 12.82 6.41 -18.81
N GLY C 135 13.14 5.12 -18.70
CA GLY C 135 14.35 4.59 -19.29
C GLY C 135 14.36 4.54 -20.81
N LEU C 136 13.19 4.30 -21.39
CA LEU C 136 13.09 4.18 -22.83
C LEU C 136 13.33 5.55 -23.44
N LEU C 137 12.73 6.58 -22.83
CA LEU C 137 12.87 8.00 -23.25
C LEU C 137 14.31 8.51 -23.08
N ALA C 138 14.91 8.20 -21.94
CA ALA C 138 16.27 8.60 -21.68
C ALA C 138 17.28 7.90 -22.60
N GLY C 139 16.92 6.69 -23.07
CA GLY C 139 17.78 5.88 -23.91
C GLY C 139 18.54 4.81 -23.13
N THR C 140 18.46 4.80 -21.80
CA THR C 140 19.18 3.79 -21.00
C THR C 140 18.71 2.35 -21.19
N ILE C 141 17.48 2.15 -21.64
CA ILE C 141 17.02 0.80 -22.03
C ILE C 141 16.29 0.86 -23.38
N HIS C 142 16.56 -0.13 -24.23
CA HIS C 142 16.06 -0.21 -25.59
C HIS C 142 14.63 -0.78 -25.67
N VAL C 143 14.39 -1.88 -24.97
CA VAL C 143 13.08 -2.54 -24.95
C VAL C 143 12.69 -3.02 -23.54
N GLY C 144 11.38 -3.05 -23.30
CA GLY C 144 10.81 -3.36 -22.00
C GLY C 144 9.81 -4.47 -22.14
N PHE C 145 9.79 -5.40 -21.18
CA PHE C 145 8.88 -6.54 -21.20
C PHE C 145 7.95 -6.57 -20.01
N SER C 146 6.68 -6.85 -20.27
CA SER C 146 5.71 -7.12 -19.21
C SER C 146 4.50 -7.77 -19.81
N ARG C 147 3.36 -7.66 -19.12
CA ARG C 147 2.10 -8.17 -19.65
C ARG C 147 1.15 -7.09 -20.15
N PHE C 148 0.66 -6.21 -19.27
CA PHE C 148 -0.27 -5.16 -19.68
C PHE C 148 0.38 -3.79 -19.53
N PHE C 149 0.45 -3.02 -20.63
CA PHE C 149 1.06 -1.69 -20.61
C PHE C 149 0.07 -0.57 -20.88
N PRO C 150 0.06 0.45 -20.03
CA PRO C 150 -0.68 1.67 -20.35
C PRO C 150 0.04 2.37 -21.49
N ARG C 151 -0.74 3.00 -22.37
CA ARG C 151 -0.22 3.70 -23.53
C ARG C 151 0.55 4.94 -23.06
N HIS C 152 1.54 5.32 -23.85
CA HIS C 152 2.34 6.50 -23.58
C HIS C 152 2.71 7.02 -24.97
N PRO C 153 2.54 8.31 -25.23
CA PRO C 153 2.57 8.81 -26.62
C PRO C 153 3.81 8.44 -27.48
N GLY C 154 5.01 8.45 -26.88
CA GLY C 154 6.24 8.17 -27.63
C GLY C 154 6.68 6.70 -27.70
N ILE C 155 5.80 5.81 -27.24
CA ILE C 155 6.09 4.41 -26.99
C ILE C 155 5.12 3.55 -27.79
N GLU C 156 5.64 2.48 -28.39
CA GLU C 156 4.81 1.49 -29.04
C GLU C 156 4.71 0.23 -28.18
N ILE C 157 3.53 -0.35 -28.14
CA ILE C 157 3.28 -1.60 -27.44
C ILE C 157 3.02 -2.66 -28.48
N VAL C 158 3.73 -3.77 -28.41
CA VAL C 158 3.44 -4.93 -29.23
C VAL C 158 3.03 -6.10 -28.34
N ASN C 159 1.90 -6.73 -28.67
CA ASN C 159 1.50 -7.96 -28.01
C ASN C 159 2.06 -9.14 -28.80
N ILE C 160 3.08 -9.82 -28.24
CA ILE C 160 3.75 -10.95 -28.90
C ILE C 160 2.92 -12.23 -28.87
N ALA C 161 2.44 -12.61 -27.70
CA ALA C 161 1.72 -13.87 -27.56
C ALA C 161 0.91 -13.95 -26.26
N GLN C 162 0.10 -15.00 -26.20
CA GLN C 162 -0.73 -15.36 -25.07
C GLN C 162 -0.10 -16.58 -24.39
N GLU C 163 -0.26 -16.66 -23.06
CA GLU C 163 0.28 -17.75 -22.25
C GLU C 163 -0.86 -18.21 -21.39
N ASP C 164 -1.07 -19.51 -21.24
CA ASP C 164 -2.17 -19.98 -20.43
C ASP C 164 -1.85 -19.70 -18.96
N LEU C 165 -2.86 -19.93 -18.10
CA LEU C 165 -2.72 -19.82 -16.65
C LEU C 165 -2.84 -21.16 -15.96
N TYR C 166 -2.23 -21.24 -14.78
CA TYR C 166 -2.16 -22.49 -14.02
C TYR C 166 -2.47 -22.25 -12.58
N LEU C 167 -3.22 -23.16 -11.97
CA LEU C 167 -3.32 -23.23 -10.53
C LEU C 167 -1.99 -23.70 -9.88
N ALA C 168 -1.61 -23.08 -8.76
CA ALA C 168 -0.38 -23.47 -8.07
C ALA C 168 -0.74 -23.82 -6.67
N VAL C 169 -0.55 -25.09 -6.30
CA VAL C 169 -0.86 -25.55 -4.96
C VAL C 169 0.38 -26.19 -4.32
N HIS C 170 0.41 -26.27 -2.98
CA HIS C 170 1.42 -27.10 -2.34
C HIS C 170 1.23 -28.55 -2.80
N ARG C 171 2.30 -29.34 -2.84
CA ARG C 171 2.26 -30.73 -3.41
C ARG C 171 1.27 -31.67 -2.71
N SER C 172 0.97 -31.37 -1.46
CA SER C 172 0.04 -32.13 -0.65
C SER C 172 -1.42 -31.96 -1.11
N GLN C 173 -1.67 -31.03 -2.01
CA GLN C 173 -3.00 -30.85 -2.59
C GLN C 173 -3.09 -31.37 -4.02
N SER C 174 -2.01 -31.93 -4.57
CA SER C 174 -1.97 -32.34 -5.99
C SER C 174 -3.17 -33.17 -6.40
N GLY C 175 -3.48 -34.18 -5.60
CA GLY C 175 -4.61 -35.05 -5.86
C GLY C 175 -5.99 -34.40 -5.98
N LYS C 176 -6.22 -33.33 -5.23
CA LYS C 176 -7.51 -32.63 -5.21
C LYS C 176 -7.92 -32.03 -6.58
N PHE C 177 -6.94 -31.61 -7.38
CA PHE C 177 -7.22 -30.84 -8.62
C PHE C 177 -6.83 -31.52 -9.93
N GLY C 178 -5.74 -32.29 -9.90
CA GLY C 178 -5.31 -33.04 -11.07
C GLY C 178 -4.37 -32.22 -11.91
N LYS C 179 -4.35 -32.53 -13.20
CA LYS C 179 -3.52 -31.84 -14.19
C LYS C 179 -4.25 -30.69 -14.88
N THR C 180 -5.59 -30.76 -14.94
CA THR C 180 -6.43 -29.67 -15.49
C THR C 180 -7.54 -29.26 -14.54
N CYS C 181 -8.02 -28.04 -14.74
CA CYS C 181 -9.11 -27.50 -13.93
C CYS C 181 -9.81 -26.32 -14.60
N LYS C 182 -10.97 -26.00 -14.06
CA LYS C 182 -11.80 -24.91 -14.51
C LYS C 182 -11.86 -23.86 -13.38
N LEU C 183 -11.99 -22.58 -13.73
CA LEU C 183 -12.10 -21.54 -12.73
C LEU C 183 -13.23 -21.86 -11.73
N ALA C 184 -14.27 -22.51 -12.23
CA ALA C 184 -15.38 -22.99 -11.42
C ALA C 184 -14.89 -23.92 -10.31
N ASP C 185 -13.93 -24.79 -10.61
CA ASP C 185 -13.38 -25.70 -9.59
C ASP C 185 -12.65 -25.01 -8.44
N LEU C 186 -12.42 -23.71 -8.52
CA LEU C 186 -11.53 -23.04 -7.59
C LEU C 186 -12.24 -22.09 -6.63
N ARG C 187 -13.57 -22.04 -6.72
CA ARG C 187 -14.35 -21.09 -5.92
C ARG C 187 -14.16 -21.16 -4.39
N ALA C 188 -13.80 -22.32 -3.87
CA ALA C 188 -13.48 -22.46 -2.45
C ALA C 188 -12.00 -22.35 -2.13
N VAL C 189 -11.14 -22.29 -3.14
CA VAL C 189 -9.68 -22.17 -2.92
C VAL C 189 -9.24 -20.73 -2.57
N GLU C 190 -8.49 -20.60 -1.48
CA GLU C 190 -8.01 -19.29 -1.00
C GLU C 190 -6.75 -18.91 -1.76
N LEU C 191 -6.80 -17.81 -2.48
CA LEU C 191 -5.72 -17.44 -3.42
C LEU C 191 -4.81 -16.34 -2.89
N THR C 192 -3.52 -16.53 -3.12
CA THR C 192 -2.55 -15.49 -2.93
C THR C 192 -2.18 -15.01 -4.31
N LEU C 193 -2.56 -13.78 -4.62
CA LEU C 193 -2.22 -13.20 -5.91
C LEU C 193 -1.07 -12.20 -5.78
N PHE C 194 -0.69 -11.59 -6.91
CA PHE C 194 0.44 -10.66 -7.01
C PHE C 194 0.35 -9.92 -8.37
N PRO C 195 1.02 -8.78 -8.58
CA PRO C 195 1.63 -7.96 -7.52
C PRO C 195 0.64 -6.97 -6.88
N ARG C 196 1.11 -6.24 -5.88
CA ARG C 196 0.34 -5.13 -5.26
C ARG C 196 0.39 -3.91 -6.17
N GLY C 197 -0.71 -3.19 -6.26
CA GLY C 197 -0.77 -1.92 -6.96
C GLY C 197 -0.07 -1.66 -8.31
N GLY C 198 -0.07 -2.61 -9.24
CA GLY C 198 0.54 -2.29 -10.54
C GLY C 198 -0.55 -1.92 -11.52
N ARG C 199 -1.53 -1.16 -11.03
CA ARG C 199 -2.90 -1.30 -11.55
C ARG C 199 -3.21 -0.60 -12.89
N PRO C 200 -3.86 -1.31 -13.83
CA PRO C 200 -4.34 -2.70 -13.64
C PRO C 200 -3.23 -3.73 -13.83
N SER C 201 -3.15 -4.71 -12.91
CA SER C 201 -2.02 -5.68 -12.82
C SER C 201 -2.43 -7.10 -13.15
N PHE C 202 -1.47 -8.02 -13.07
CA PHE C 202 -1.78 -9.43 -13.21
C PHE C 202 -2.90 -9.92 -12.26
N ALA C 203 -2.92 -9.42 -11.03
CA ALA C 203 -3.96 -9.78 -10.08
C ALA C 203 -5.34 -9.35 -10.57
N ASP C 204 -5.39 -8.22 -11.26
CA ASP C 204 -6.66 -7.71 -11.78
C ASP C 204 -7.15 -8.56 -12.89
N GLU C 205 -6.24 -9.03 -13.74
CA GLU C 205 -6.63 -9.90 -14.83
C GLU C 205 -7.21 -11.24 -14.28
N VAL C 206 -6.58 -11.77 -13.23
CA VAL C 206 -6.99 -13.03 -12.64
C VAL C 206 -8.36 -12.85 -12.04
N ILE C 207 -8.48 -11.80 -11.24
CA ILE C 207 -9.71 -11.44 -10.58
C ILE C 207 -10.78 -11.16 -11.62
N GLY C 208 -10.42 -10.49 -12.69
CA GLY C 208 -11.34 -10.24 -13.77
C GLY C 208 -11.83 -11.50 -14.45
N LEU C 209 -10.96 -12.48 -14.63
CA LEU C 209 -11.33 -13.74 -15.29
C LEU C 209 -12.33 -14.56 -14.49
N PHE C 210 -12.15 -14.62 -13.19
CA PHE C 210 -13.15 -15.20 -12.30
C PHE C 210 -14.50 -14.48 -12.42
N LYS C 211 -14.52 -13.15 -12.32
CA LYS C 211 -15.77 -12.38 -12.43
C LYS C 211 -16.50 -12.64 -13.78
N HIS C 212 -15.75 -12.65 -14.88
CA HIS C 212 -16.26 -13.04 -16.21
C HIS C 212 -17.00 -14.40 -16.21
N ALA C 213 -16.44 -15.38 -15.50
CA ALA C 213 -17.08 -16.69 -15.32
C ALA C 213 -18.09 -16.73 -14.18
N GLY C 214 -18.52 -15.57 -13.65
CA GLY C 214 -19.56 -15.47 -12.63
C GLY C 214 -19.22 -15.85 -11.19
N ILE C 215 -17.93 -15.88 -10.86
CA ILE C 215 -17.39 -16.26 -9.54
C ILE C 215 -16.61 -15.14 -8.86
N GLU C 216 -16.90 -14.86 -7.59
CA GLU C 216 -16.07 -13.97 -6.81
C GLU C 216 -15.00 -14.85 -6.21
N PRO C 217 -13.75 -14.60 -6.51
CA PRO C 217 -12.68 -15.47 -6.06
C PRO C 217 -12.37 -15.22 -4.60
N ARG C 218 -12.11 -16.29 -3.86
CA ARG C 218 -11.56 -16.18 -2.51
C ARG C 218 -10.12 -15.63 -2.55
N ILE C 219 -9.93 -14.38 -2.18
CA ILE C 219 -8.59 -13.81 -2.10
C ILE C 219 -8.15 -13.72 -0.64
N ALA C 220 -7.19 -14.58 -0.27
CA ALA C 220 -6.48 -14.51 1.00
C ALA C 220 -5.63 -13.25 1.13
N ARG C 221 -4.95 -12.85 0.05
CA ARG C 221 -3.99 -11.75 0.10
C ARG C 221 -3.33 -11.42 -1.23
N VAL C 222 -2.70 -10.26 -1.29
CA VAL C 222 -1.93 -9.87 -2.47
C VAL C 222 -0.51 -9.52 -2.02
N VAL C 223 0.46 -10.25 -2.56
CA VAL C 223 1.84 -10.15 -2.16
C VAL C 223 2.65 -9.46 -3.26
N GLU C 224 3.90 -9.09 -2.98
CA GLU C 224 4.61 -8.14 -3.85
C GLU C 224 4.87 -8.65 -5.28
N ASP C 225 5.08 -9.96 -5.42
CA ASP C 225 5.42 -10.56 -6.71
C ASP C 225 5.33 -12.09 -6.69
N ALA C 226 5.57 -12.72 -7.84
CA ALA C 226 5.44 -14.18 -7.98
C ALA C 226 6.38 -14.92 -7.10
N THR C 227 7.54 -14.33 -6.84
CA THR C 227 8.50 -14.93 -5.94
C THR C 227 7.88 -15.21 -4.59
N ALA C 228 7.18 -14.23 -4.03
CA ALA C 228 6.62 -14.36 -2.68
C ALA C 228 5.50 -15.39 -2.67
N ALA C 229 4.55 -15.28 -3.58
CA ALA C 229 3.48 -16.27 -3.67
C ALA C 229 4.00 -17.72 -3.91
N LEU C 230 5.03 -17.88 -4.74
CA LEU C 230 5.59 -19.21 -5.03
C LEU C 230 6.23 -19.78 -3.80
N ALA C 231 6.91 -18.92 -3.03
CA ALA C 231 7.57 -19.31 -1.78
C ALA C 231 6.57 -19.69 -0.71
N LEU C 232 5.50 -18.93 -0.58
CA LEU C 232 4.47 -19.24 0.36
C LEU C 232 3.76 -20.53 -0.06
N THR C 233 3.58 -20.73 -1.35
CA THR C 233 3.01 -21.95 -1.86
C THR C 233 3.92 -23.15 -1.55
N MET C 234 5.21 -22.95 -1.74
CA MET C 234 6.19 -23.98 -1.48
C MET C 234 6.19 -24.34 0.00
N ALA C 235 5.96 -23.37 0.85
CA ALA C 235 5.97 -23.59 2.29
C ALA C 235 4.64 -24.10 2.85
N GLY C 236 3.70 -24.45 1.98
CA GLY C 236 2.41 -24.91 2.42
C GLY C 236 1.46 -23.86 2.99
N ALA C 237 1.72 -22.60 2.75
CA ALA C 237 0.85 -21.56 3.30
C ALA C 237 0.02 -20.80 2.25
N ALA C 238 -0.12 -21.33 1.03
CA ALA C 238 -0.73 -20.58 -0.05
C ALA C 238 -1.01 -21.39 -1.29
N SER C 239 -2.08 -21.00 -1.99
CA SER C 239 -2.29 -21.35 -3.38
C SER C 239 -2.19 -20.09 -4.27
N SER C 240 -2.01 -20.26 -5.55
CA SER C 240 -1.89 -19.10 -6.44
C SER C 240 -2.20 -19.46 -7.85
N ILE C 241 -2.15 -18.47 -8.71
CA ILE C 241 -2.37 -18.67 -10.15
C ILE C 241 -1.25 -17.98 -10.88
N VAL C 242 -0.60 -18.69 -11.79
CA VAL C 242 0.54 -18.13 -12.47
C VAL C 242 0.43 -18.36 -13.96
N PRO C 243 1.11 -17.56 -14.76
CA PRO C 243 1.24 -17.84 -16.18
C PRO C 243 2.05 -19.06 -16.46
N ALA C 244 2.02 -19.50 -17.71
CA ALA C 244 2.64 -20.75 -18.11
C ALA C 244 4.16 -20.74 -17.96
N SER C 245 4.77 -19.56 -18.04
CA SER C 245 6.20 -19.42 -17.85
C SER C 245 6.67 -19.94 -16.49
N VAL C 246 5.86 -19.74 -15.46
CA VAL C 246 6.21 -20.19 -14.11
C VAL C 246 5.95 -21.67 -13.99
N ALA C 247 4.85 -22.14 -14.59
CA ALA C 247 4.46 -23.55 -14.53
C ALA C 247 5.32 -24.48 -15.40
N ALA C 248 6.04 -23.92 -16.37
CA ALA C 248 6.99 -24.68 -17.18
C ALA C 248 8.23 -25.12 -16.39
N ILE C 249 8.40 -24.55 -15.19
CA ILE C 249 9.49 -24.87 -14.28
C ILE C 249 8.98 -25.83 -13.21
N ARG C 250 9.88 -26.69 -12.73
CA ARG C 250 9.53 -27.73 -11.79
C ARG C 250 10.12 -27.37 -10.44
N TRP C 251 9.26 -26.88 -9.56
CA TRP C 251 9.64 -26.39 -8.23
C TRP C 251 9.31 -27.50 -7.24
N PRO C 252 10.21 -27.78 -6.32
CA PRO C 252 9.93 -28.85 -5.38
C PRO C 252 8.75 -28.44 -4.53
N ASP C 253 7.83 -29.36 -4.26
CA ASP C 253 6.70 -29.14 -3.35
C ASP C 253 5.64 -28.20 -3.94
N ILE C 254 5.73 -27.85 -5.22
CA ILE C 254 4.64 -27.13 -5.87
C ILE C 254 4.13 -27.98 -7.02
N ALA C 255 2.80 -28.01 -7.15
CA ALA C 255 2.14 -28.70 -8.22
C ALA C 255 1.25 -27.72 -8.97
N PHE C 256 1.01 -28.04 -10.24
CA PHE C 256 0.32 -27.16 -11.18
C PHE C 256 -0.80 -27.88 -11.97
N ALA C 257 -1.95 -27.22 -12.06
CA ALA C 257 -3.06 -27.65 -12.90
C ALA C 257 -3.39 -26.54 -13.90
N ARG C 258 -3.26 -26.83 -15.18
CA ARG C 258 -3.69 -25.92 -16.22
C ARG C 258 -5.18 -25.58 -16.12
N ILE C 259 -5.47 -24.29 -16.15
CA ILE C 259 -6.84 -23.80 -16.22
C ILE C 259 -7.28 -23.80 -17.68
N VAL C 260 -8.34 -24.57 -17.97
CA VAL C 260 -8.90 -24.63 -19.31
C VAL C 260 -10.04 -23.61 -19.50
N GLY C 261 -10.00 -22.92 -20.61
CA GLY C 261 -10.91 -21.84 -20.88
C GLY C 261 -10.21 -21.02 -21.92
N THR C 262 -10.86 -20.88 -23.08
CA THR C 262 -10.31 -20.12 -24.21
C THR C 262 -9.93 -18.68 -23.80
N ARG C 263 -10.68 -18.10 -22.85
CA ARG C 263 -10.46 -16.75 -22.32
C ARG C 263 -9.27 -16.67 -21.33
N VAL C 264 -8.91 -17.79 -20.73
CA VAL C 264 -7.91 -17.82 -19.66
C VAL C 264 -6.47 -17.75 -20.21
N LYS C 265 -5.97 -16.53 -20.32
CA LYS C 265 -4.83 -16.23 -21.18
C LYS C 265 -4.29 -14.87 -20.84
N VAL C 266 -2.97 -14.73 -20.79
CA VAL C 266 -2.35 -13.42 -20.61
C VAL C 266 -1.28 -13.13 -21.65
N PRO C 267 -1.11 -11.87 -22.03
CA PRO C 267 -0.10 -11.50 -23.03
C PRO C 267 1.35 -11.36 -22.52
N ILE C 268 2.34 -11.69 -23.35
CA ILE C 268 3.66 -11.07 -23.24
C ILE C 268 3.54 -9.88 -24.16
N SER C 269 4.00 -8.74 -23.70
CA SER C 269 4.09 -7.56 -24.51
C SER C 269 5.44 -6.92 -24.31
N CYS C 270 5.90 -6.14 -25.29
CA CYS C 270 7.01 -5.27 -25.04
C CYS C 270 6.73 -3.86 -25.49
N ILE C 271 7.52 -2.93 -24.95
CA ILE C 271 7.43 -1.56 -25.35
C ILE C 271 8.81 -1.00 -25.68
N PHE C 272 8.83 -0.07 -26.63
CA PHE C 272 10.05 0.60 -27.01
C PHE C 272 9.72 2.02 -27.50
N ARG C 273 10.64 2.96 -27.27
CA ARG C 273 10.57 4.28 -27.89
C ARG C 273 10.59 4.14 -29.42
N LYS C 274 9.64 4.79 -30.10
CA LYS C 274 9.59 4.74 -31.57
C LYS C 274 10.39 5.87 -32.26
N GLU C 275 10.81 6.90 -31.52
CA GLU C 275 11.47 8.09 -32.09
C GLU C 275 12.83 7.79 -32.73
N LYS C 276 13.85 7.47 -31.94
CA LYS C 276 15.21 7.33 -32.49
C LYS C 276 15.85 5.97 -32.19
N GLN C 277 15.38 4.95 -32.88
CA GLN C 277 15.76 3.57 -32.60
C GLN C 277 17.21 3.36 -33.07
N PRO C 278 18.16 3.10 -32.16
CA PRO C 278 19.45 2.54 -32.59
C PRO C 278 19.32 1.25 -33.44
N PRO C 279 20.34 0.91 -34.23
CA PRO C 279 20.26 -0.27 -35.12
C PRO C 279 19.93 -1.57 -34.38
N ILE C 280 20.59 -1.80 -33.26
CA ILE C 280 20.31 -3.00 -32.47
C ILE C 280 18.83 -3.11 -32.03
N LEU C 281 18.20 -2.01 -31.62
CA LEU C 281 16.78 -2.05 -31.30
C LEU C 281 15.97 -2.31 -32.54
N ALA C 282 16.32 -1.66 -33.65
CA ALA C 282 15.55 -1.75 -34.91
C ALA C 282 15.54 -3.17 -35.43
N ARG C 283 16.71 -3.80 -35.30
CA ARG C 283 16.93 -5.19 -35.62
C ARG C 283 16.09 -6.06 -34.70
N PHE C 284 16.14 -5.75 -33.39
CA PHE C 284 15.35 -6.49 -32.39
C PHE C 284 13.85 -6.34 -32.57
N VAL C 285 13.39 -5.18 -33.01
CA VAL C 285 11.96 -5.01 -33.18
C VAL C 285 11.52 -5.84 -34.40
N GLU C 286 12.27 -5.77 -35.50
CA GLU C 286 11.98 -6.59 -36.68
C GLU C 286 11.93 -8.10 -36.29
N HIS C 287 12.71 -8.48 -35.29
CA HIS C 287 12.69 -9.86 -34.81
C HIS C 287 11.37 -10.18 -34.08
N VAL C 288 11.00 -9.38 -33.10
CA VAL C 288 9.81 -9.66 -32.28
C VAL C 288 8.50 -9.36 -33.02
N ARG C 289 8.59 -8.64 -34.13
CA ARG C 289 7.44 -8.37 -34.98
C ARG C 289 7.05 -9.64 -35.71
N ARG C 290 8.03 -10.31 -36.31
CA ARG C 290 7.75 -11.57 -37.02
C ARG C 290 7.63 -12.76 -36.06
N SER C 291 7.78 -12.49 -34.77
CA SER C 291 7.44 -13.46 -33.72
C SER C 291 5.95 -13.33 -33.32
N ALA C 292 5.42 -12.11 -33.34
CA ALA C 292 4.00 -11.86 -33.09
C ALA C 292 3.09 -12.56 -34.09
N MET D 1 35.92 10.83 -20.22
CA MET D 1 34.62 11.29 -20.76
C MET D 1 34.31 12.68 -20.24
N GLU D 2 34.00 13.61 -21.15
CA GLU D 2 33.69 14.99 -20.78
C GLU D 2 32.83 15.71 -21.80
N PHE D 3 32.06 16.69 -21.32
CA PHE D 3 31.07 17.40 -22.13
C PHE D 3 31.69 18.31 -23.21
N ARG D 4 32.93 18.71 -23.00
CA ARG D 4 33.69 19.44 -24.00
C ARG D 4 33.93 18.53 -25.21
N GLN D 5 34.44 17.33 -24.91
CA GLN D 5 34.76 16.31 -25.92
C GLN D 5 33.56 16.01 -26.82
N LEU D 6 32.40 15.88 -26.20
CA LEU D 6 31.20 15.50 -26.91
C LEU D 6 30.74 16.61 -27.83
N LYS D 7 30.75 17.84 -27.33
CA LYS D 7 30.25 19.00 -28.06
C LYS D 7 31.10 19.34 -29.28
N TYR D 8 32.40 19.05 -29.18
CA TYR D 8 33.33 19.28 -30.28
C TYR D 8 33.20 18.14 -31.27
N PHE D 9 33.39 16.91 -30.80
CA PHE D 9 33.37 15.73 -31.65
C PHE D 9 32.21 15.75 -32.64
N ILE D 10 31.03 16.18 -32.19
CA ILE D 10 29.88 16.28 -33.08
C ILE D 10 30.10 17.31 -34.19
N ALA D 11 30.72 18.44 -33.84
CA ALA D 11 31.09 19.50 -34.80
C ALA D 11 32.15 19.06 -35.83
N VAL D 12 33.28 18.56 -35.34
CA VAL D 12 34.26 17.87 -36.18
C VAL D 12 33.57 17.02 -37.24
N ALA D 13 32.55 16.26 -36.84
CA ALA D 13 31.90 15.27 -37.71
C ALA D 13 30.65 15.76 -38.46
N GLU D 14 30.27 17.02 -38.29
CA GLU D 14 29.14 17.60 -39.05
C GLU D 14 29.65 18.47 -40.20
N ALA D 15 30.84 19.06 -40.02
CA ALA D 15 31.42 20.01 -40.98
C ALA D 15 32.58 19.40 -41.79
N GLY D 16 33.10 18.26 -41.35
CA GLY D 16 33.98 17.43 -42.16
C GLY D 16 35.46 17.39 -41.80
N ASN D 17 36.05 18.58 -41.57
CA ASN D 17 37.50 18.72 -41.29
C ASN D 17 37.79 19.50 -40.00
N MET D 18 38.97 19.24 -39.41
CA MET D 18 39.39 19.84 -38.13
C MET D 18 39.26 21.37 -38.08
N ALA D 19 39.34 22.00 -39.26
CA ALA D 19 39.38 23.46 -39.37
C ALA D 19 38.00 24.11 -39.43
N ALA D 20 37.10 23.52 -40.21
CA ALA D 20 35.74 24.05 -40.35
C ALA D 20 34.92 23.95 -39.04
N ALA D 21 35.40 23.14 -38.11
CA ALA D 21 34.84 23.09 -36.75
C ALA D 21 35.20 24.36 -35.98
N ALA D 22 36.48 24.72 -36.00
CA ALA D 22 36.96 25.97 -35.41
C ALA D 22 36.18 27.21 -35.90
N LYS D 23 35.50 27.08 -37.03
CA LYS D 23 34.61 28.13 -37.54
C LYS D 23 33.26 28.19 -36.79
N ARG D 24 32.50 27.09 -36.82
CA ARG D 24 31.15 27.05 -36.22
C ARG D 24 31.16 27.22 -34.69
N LEU D 25 32.24 26.80 -34.06
CA LEU D 25 32.37 26.88 -32.61
C LEU D 25 33.01 28.19 -32.15
N HIS D 26 33.85 28.78 -33.01
CA HIS D 26 34.67 29.95 -32.66
C HIS D 26 35.67 29.58 -31.57
N VAL D 27 36.63 28.72 -31.93
CA VAL D 27 37.56 28.12 -30.96
C VAL D 27 39.02 28.24 -31.40
N SER D 28 39.42 27.50 -32.45
CA SER D 28 40.83 27.27 -32.85
C SER D 28 41.03 25.78 -33.17
N GLN D 29 42.20 25.41 -33.69
CA GLN D 29 42.45 24.02 -34.10
C GLN D 29 43.21 23.14 -33.10
N PRO D 30 44.36 23.59 -32.59
CA PRO D 30 45.09 22.83 -31.57
C PRO D 30 44.31 22.43 -30.29
N PRO D 31 43.39 23.26 -29.75
CA PRO D 31 42.56 22.83 -28.61
C PRO D 31 41.65 21.65 -28.95
N ILE D 32 40.92 21.74 -30.06
CA ILE D 32 40.07 20.66 -30.57
C ILE D 32 40.81 19.33 -30.65
N THR D 33 41.99 19.35 -31.27
CA THR D 33 42.75 18.13 -31.56
C THR D 33 43.29 17.44 -30.29
N ARG D 34 43.55 18.24 -29.27
CA ARG D 34 43.93 17.71 -27.96
C ARG D 34 42.73 16.99 -27.32
N GLN D 35 41.52 17.49 -27.59
CA GLN D 35 40.29 16.90 -27.05
C GLN D 35 39.97 15.57 -27.73
N MET D 36 40.11 15.53 -29.05
CA MET D 36 39.82 14.32 -29.81
C MET D 36 40.86 13.26 -29.56
N GLN D 37 42.04 13.65 -29.07
CA GLN D 37 43.08 12.67 -28.73
C GLN D 37 42.94 12.20 -27.27
N ALA D 38 42.31 13.02 -26.42
CA ALA D 38 41.99 12.63 -25.04
C ALA D 38 40.70 11.81 -25.01
N LEU D 39 39.84 12.03 -26.01
CA LEU D 39 38.59 11.30 -26.15
C LEU D 39 38.88 9.89 -26.64
N GLU D 40 39.59 9.80 -27.77
CA GLU D 40 39.96 8.52 -28.36
C GLU D 40 40.75 7.64 -27.37
N ALA D 41 41.51 8.28 -26.48
CA ALA D 41 42.28 7.58 -25.44
C ALA D 41 41.39 7.03 -24.35
N ASP D 42 40.40 7.83 -23.97
CA ASP D 42 39.49 7.49 -22.90
C ASP D 42 38.56 6.35 -23.32
N LEU D 43 37.98 6.48 -24.52
CA LEU D 43 37.11 5.44 -25.06
C LEU D 43 37.84 4.13 -25.31
N GLY D 44 39.08 4.23 -25.80
CA GLY D 44 39.90 3.06 -26.10
C GLY D 44 39.89 2.66 -27.56
N VAL D 45 39.48 3.57 -28.44
CA VAL D 45 39.53 3.34 -29.89
C VAL D 45 39.40 4.63 -30.68
N VAL D 46 39.56 4.50 -32.00
CA VAL D 46 39.65 5.65 -32.87
C VAL D 46 38.36 5.90 -33.63
N LEU D 47 37.96 7.17 -33.66
CA LEU D 47 36.68 7.61 -34.23
C LEU D 47 36.85 8.35 -35.56
N LEU D 48 38.09 8.61 -35.93
CA LEU D 48 38.41 9.37 -37.14
C LEU D 48 39.85 9.11 -37.58
N GLU D 49 40.01 9.00 -38.90
CA GLU D 49 41.31 8.72 -39.53
C GLU D 49 41.56 9.73 -40.67
N ARG D 50 42.79 10.25 -40.71
CA ARG D 50 43.14 11.44 -41.47
C ARG D 50 43.54 11.15 -42.94
N SER D 51 42.51 10.94 -43.78
CA SER D 51 42.68 10.77 -45.23
C SER D 51 42.88 12.14 -45.92
N HIS D 52 42.77 12.15 -47.25
CA HIS D 52 43.13 13.34 -48.04
C HIS D 52 41.98 14.37 -48.20
N ARG D 53 40.74 13.89 -48.30
CA ARG D 53 39.55 14.78 -48.36
C ARG D 53 39.41 15.58 -47.05
N GLY D 54 39.46 14.87 -45.92
CA GLY D 54 39.51 15.47 -44.59
C GLY D 54 39.78 14.40 -43.53
N ILE D 55 38.86 14.24 -42.58
CA ILE D 55 38.78 13.02 -41.76
C ILE D 55 37.40 12.37 -41.97
N GLU D 56 37.37 11.06 -41.82
CA GLU D 56 36.11 10.32 -41.85
C GLU D 56 35.95 9.50 -40.58
N LEU D 57 34.72 9.03 -40.34
CA LEU D 57 34.34 8.30 -39.12
C LEU D 57 34.53 6.79 -39.30
N THR D 58 35.11 6.14 -38.31
CA THR D 58 35.15 4.68 -38.28
C THR D 58 33.73 4.12 -38.05
N ALA D 59 33.58 2.81 -37.92
CA ALA D 59 32.33 2.23 -37.42
C ALA D 59 32.07 2.63 -35.96
N ALA D 60 33.13 2.73 -35.17
CA ALA D 60 33.06 3.32 -33.82
C ALA D 60 32.72 4.81 -33.88
N GLY D 61 33.11 5.44 -34.98
CA GLY D 61 32.76 6.83 -35.23
C GLY D 61 31.27 7.12 -35.31
N HIS D 62 30.55 6.51 -36.25
CA HIS D 62 29.11 6.79 -36.37
C HIS D 62 28.33 6.28 -35.12
N ALA D 63 28.94 5.37 -34.35
CA ALA D 63 28.30 4.76 -33.21
C ALA D 63 28.25 5.74 -32.04
N PHE D 64 29.40 6.31 -31.71
CA PHE D 64 29.49 7.32 -30.64
C PHE D 64 28.83 8.65 -31.00
N LEU D 65 28.71 8.90 -32.31
CA LEU D 65 28.07 10.10 -32.84
C LEU D 65 26.61 10.17 -32.45
N GLU D 66 25.85 9.11 -32.73
CA GLU D 66 24.47 9.08 -32.31
C GLU D 66 24.41 9.12 -30.77
N ASP D 67 25.26 8.35 -30.08
CA ASP D 67 25.27 8.32 -28.61
C ASP D 67 25.70 9.62 -27.94
N ALA D 68 26.36 10.52 -28.69
CA ALA D 68 26.78 11.80 -28.15
C ALA D 68 25.64 12.81 -28.25
N ARG D 69 24.96 12.86 -29.40
CA ARG D 69 23.74 13.69 -29.51
C ARG D 69 22.71 13.34 -28.41
N ARG D 70 22.48 12.04 -28.22
CA ARG D 70 21.54 11.52 -27.25
C ARG D 70 21.94 11.81 -25.82
N ILE D 71 23.25 11.85 -25.52
CA ILE D 71 23.71 12.33 -24.21
C ILE D 71 23.42 13.82 -23.98
N LEU D 72 23.64 14.65 -25.00
CA LEU D 72 23.41 16.11 -24.86
C LEU D 72 21.91 16.43 -24.80
N GLU D 73 21.11 15.63 -25.47
CA GLU D 73 19.67 15.82 -25.48
C GLU D 73 19.18 15.50 -24.07
N LEU D 74 19.44 14.27 -23.63
CA LEU D 74 19.13 13.84 -22.26
C LEU D 74 19.66 14.81 -21.23
N ALA D 75 20.84 15.37 -21.44
CA ALA D 75 21.40 16.31 -20.48
C ALA D 75 20.62 17.62 -20.41
N GLY D 76 20.03 17.98 -21.54
CA GLY D 76 19.29 19.22 -21.67
C GLY D 76 17.88 19.11 -21.14
N ARG D 77 17.23 17.98 -21.41
CA ARG D 77 15.92 17.68 -20.83
C ARG D 77 16.04 17.56 -19.30
N SER D 78 17.19 17.10 -18.82
CA SER D 78 17.42 16.94 -17.40
C SER D 78 17.56 18.29 -16.75
N GLY D 79 18.19 19.24 -17.43
CA GLY D 79 18.29 20.59 -16.94
C GLY D 79 16.91 21.23 -16.90
N ASP D 80 16.10 20.98 -17.94
CA ASP D 80 14.75 21.54 -18.06
C ASP D 80 13.94 21.07 -16.88
N ARG D 81 13.79 19.76 -16.74
CA ARG D 81 13.10 19.14 -15.61
C ARG D 81 13.50 19.74 -14.29
N SER D 82 14.77 20.09 -14.17
CA SER D 82 15.26 20.50 -12.88
C SER D 82 14.97 21.94 -12.56
N ARG D 83 14.75 22.75 -13.58
CA ARG D 83 14.31 24.13 -13.39
C ARG D 83 12.79 24.21 -13.29
N ALA D 84 12.11 23.31 -13.97
CA ALA D 84 10.67 23.22 -13.93
C ALA D 84 10.26 22.90 -12.48
N ALA D 85 10.98 21.97 -11.87
CA ALA D 85 10.76 21.64 -10.46
C ALA D 85 11.13 22.80 -9.55
N ALA D 86 12.23 23.46 -9.86
CA ALA D 86 12.69 24.58 -9.05
C ALA D 86 11.72 25.77 -9.06
N ARG D 87 11.02 25.97 -10.17
CA ARG D 87 10.03 27.03 -10.32
C ARG D 87 8.65 26.57 -9.82
N GLY D 88 8.44 25.25 -9.78
CA GLY D 88 7.18 24.67 -9.33
C GLY D 88 6.13 24.50 -10.40
N ASP D 89 6.55 24.50 -11.68
CA ASP D 89 5.66 24.18 -12.80
C ASP D 89 5.22 22.72 -12.74
N VAL D 90 5.99 21.96 -11.98
CA VAL D 90 5.94 20.53 -11.96
C VAL D 90 6.08 20.11 -10.50
N GLY D 91 5.43 19.01 -10.11
CA GLY D 91 5.62 18.40 -8.81
C GLY D 91 4.31 17.94 -8.24
N GLU D 92 4.33 17.13 -7.20
CA GLU D 92 3.10 16.71 -6.53
C GLU D 92 2.79 17.47 -5.22
N LEU D 93 1.59 18.03 -5.13
CA LEU D 93 1.10 18.64 -3.88
C LEU D 93 0.37 17.61 -3.02
N SER D 94 0.93 17.29 -1.88
CA SER D 94 0.32 16.31 -1.00
C SER D 94 -0.57 17.05 0.03
N VAL D 95 -1.86 16.79 -0.05
CA VAL D 95 -2.84 17.49 0.75
C VAL D 95 -3.39 16.54 1.79
N ALA D 96 -3.74 17.08 2.96
CA ALA D 96 -4.46 16.34 3.97
C ALA D 96 -5.69 17.13 4.40
N TYR D 97 -6.68 16.45 4.94
CA TYR D 97 -7.86 17.13 5.41
C TYR D 97 -8.39 16.43 6.64
N PHE D 98 -9.14 17.20 7.43
CA PHE D 98 -9.97 16.68 8.50
C PHE D 98 -11.24 17.50 8.50
N GLY D 99 -12.37 16.82 8.36
CA GLY D 99 -13.66 17.44 8.53
C GLY D 99 -14.22 17.95 7.23
N THR D 100 -15.10 18.94 7.32
CA THR D 100 -15.97 19.32 6.22
C THR D 100 -15.37 20.27 5.17
N PRO D 101 -14.12 20.72 5.31
CA PRO D 101 -13.50 21.50 4.22
C PRO D 101 -13.45 20.73 2.90
N ILE D 102 -13.47 19.40 3.00
CA ILE D 102 -13.55 18.51 1.85
C ILE D 102 -14.78 18.77 0.96
N TYR D 103 -15.89 19.27 1.52
CA TYR D 103 -17.08 19.56 0.72
C TYR D 103 -17.08 20.86 -0.13
N ARG D 104 -16.13 21.76 0.03
CA ARG D 104 -16.16 22.99 -0.78
C ARG D 104 -14.82 23.69 -0.90
N SER D 105 -14.32 24.32 0.17
CA SER D 105 -13.11 25.13 0.08
C SER D 105 -11.91 24.38 -0.47
N LEU D 106 -11.67 23.16 0.02
CA LEU D 106 -10.47 22.43 -0.39
C LEU D 106 -10.42 22.19 -1.90
N PRO D 107 -11.46 21.59 -2.48
CA PRO D 107 -11.47 21.36 -3.92
C PRO D 107 -11.64 22.63 -4.78
N LEU D 108 -12.28 23.69 -4.29
CA LEU D 108 -12.24 24.99 -5.00
C LEU D 108 -10.81 25.51 -5.14
N LEU D 109 -10.05 25.41 -4.03
CA LEU D 109 -8.65 25.82 -3.98
C LEU D 109 -7.81 24.97 -4.92
N LEU D 110 -7.87 23.65 -4.81
CA LEU D 110 -7.14 22.77 -5.73
C LEU D 110 -7.49 23.11 -7.18
N ARG D 111 -8.75 23.45 -7.48
CA ARG D 111 -9.15 23.82 -8.83
C ARG D 111 -8.35 25.05 -9.32
N ALA D 112 -8.34 26.14 -8.54
CA ALA D 112 -7.60 27.34 -8.92
C ALA D 112 -6.11 27.06 -9.10
N PHE D 113 -5.55 26.18 -8.24
CA PHE D 113 -4.13 25.77 -8.30
C PHE D 113 -3.81 25.00 -9.58
N LEU D 114 -4.54 23.91 -9.81
CA LEU D 114 -4.36 23.09 -11.01
C LEU D 114 -4.66 23.76 -12.37
N THR D 115 -5.54 24.73 -12.36
CA THR D 115 -5.93 25.47 -13.55
C THR D 115 -4.80 26.34 -14.03
N SER D 116 -4.04 26.91 -13.09
CA SER D 116 -3.00 27.87 -13.41
C SER D 116 -1.58 27.30 -13.31
N THR D 117 -1.51 26.01 -13.03
CA THR D 117 -0.26 25.24 -13.01
C THR D 117 -0.67 23.86 -13.55
N PRO D 118 -0.95 23.77 -14.85
CA PRO D 118 -1.62 22.57 -15.39
C PRO D 118 -0.80 21.24 -15.30
N THR D 119 0.52 21.27 -15.27
CA THR D 119 1.28 20.03 -15.15
C THR D 119 1.55 19.57 -13.71
N ALA D 120 0.90 20.18 -12.72
CA ALA D 120 1.06 19.78 -11.31
C ALA D 120 0.15 18.66 -11.00
N THR D 121 0.51 17.81 -10.05
CA THR D 121 -0.44 16.81 -9.54
C THR D 121 -0.76 17.04 -8.07
N VAL D 122 -1.70 16.25 -7.56
CA VAL D 122 -2.12 16.33 -6.16
C VAL D 122 -2.38 14.94 -5.62
N SER D 123 -2.03 14.70 -4.35
CA SER D 123 -2.57 13.56 -3.60
C SER D 123 -3.46 14.07 -2.46
N LEU D 124 -4.29 13.17 -1.92
CA LEU D 124 -5.27 13.54 -0.92
C LEU D 124 -5.50 12.45 0.10
N THR D 125 -5.23 12.76 1.38
CA THR D 125 -5.43 11.88 2.54
C THR D 125 -6.20 12.56 3.66
N HIS D 126 -7.20 11.85 4.17
CA HIS D 126 -7.79 12.16 5.45
C HIS D 126 -6.73 11.93 6.52
N MET D 127 -6.69 12.84 7.50
CA MET D 127 -5.63 12.86 8.48
C MET D 127 -6.07 13.66 9.67
N THR D 128 -5.93 13.08 10.87
CA THR D 128 -6.24 13.84 12.09
C THR D 128 -5.28 15.00 12.19
N LYS D 129 -5.63 15.95 13.03
CA LYS D 129 -4.93 17.21 13.11
C LYS D 129 -3.57 16.99 13.71
N ASP D 130 -3.45 16.01 14.60
CA ASP D 130 -2.12 15.63 15.14
C ASP D 130 -1.24 15.02 14.08
N GLU D 131 -1.78 14.09 13.31
CA GLU D 131 -1.06 13.49 12.22
C GLU D 131 -0.65 14.57 11.20
N GLN D 132 -1.48 15.60 11.04
CA GLN D 132 -1.26 16.65 10.05
C GLN D 132 -0.03 17.46 10.41
N VAL D 133 -0.02 17.91 11.65
CA VAL D 133 1.15 18.52 12.27
C VAL D 133 2.44 17.70 12.07
N GLU D 134 2.36 16.38 12.26
CA GLU D 134 3.54 15.54 12.13
C GLU D 134 3.95 15.38 10.70
N GLY D 135 2.96 15.31 9.81
CA GLY D 135 3.22 15.24 8.38
C GLY D 135 3.91 16.49 7.84
N LEU D 136 3.56 17.66 8.38
CA LEU D 136 4.00 18.91 7.79
C LEU D 136 5.43 19.16 8.20
N LEU D 137 5.74 18.72 9.40
CA LEU D 137 7.07 18.91 9.97
C LEU D 137 7.99 17.79 9.56
N ALA D 138 7.43 16.68 9.08
CA ALA D 138 8.24 15.60 8.54
C ALA D 138 8.45 15.74 7.05
N GLY D 139 7.72 16.67 6.38
CA GLY D 139 7.75 16.82 4.94
C GLY D 139 6.86 15.85 4.15
N THR D 140 6.22 14.90 4.83
CA THR D 140 5.37 13.93 4.13
C THR D 140 4.10 14.56 3.55
N ILE D 141 3.57 15.62 4.16
CA ILE D 141 2.53 16.41 3.49
C ILE D 141 2.86 17.89 3.47
N HIS D 142 2.25 18.61 2.55
CA HIS D 142 2.60 20.00 2.27
C HIS D 142 1.58 20.96 2.90
N VAL D 143 0.33 20.54 2.93
CA VAL D 143 -0.77 21.42 3.34
C VAL D 143 -1.90 20.62 3.96
N GLY D 144 -2.55 21.19 4.97
CA GLY D 144 -3.66 20.57 5.64
C GLY D 144 -4.88 21.45 5.65
N PHE D 145 -6.00 20.86 6.03
CA PHE D 145 -7.25 21.57 6.07
C PHE D 145 -8.04 21.11 7.26
N SER D 146 -8.64 22.07 7.96
CA SER D 146 -9.57 21.77 9.03
C SER D 146 -10.42 22.98 9.42
N ARG D 147 -11.22 22.81 10.48
CA ARG D 147 -12.05 23.90 10.98
C ARG D 147 -11.16 24.68 11.94
N PHE D 148 -10.82 24.03 13.04
CA PHE D 148 -10.04 24.65 14.08
C PHE D 148 -8.81 23.83 14.12
N PHE D 149 -7.75 24.42 14.64
CA PHE D 149 -6.43 23.85 14.52
C PHE D 149 -5.50 24.50 15.53
N PRO D 150 -4.94 23.71 16.43
CA PRO D 150 -4.10 24.28 17.49
C PRO D 150 -2.77 24.90 17.02
N ARG D 151 -2.41 26.03 17.63
CA ARG D 151 -1.22 26.79 17.29
C ARG D 151 0.03 25.99 17.61
N HIS D 152 0.93 25.92 16.64
CA HIS D 152 2.19 25.20 16.78
C HIS D 152 3.35 26.06 16.23
N PRO D 153 4.47 26.08 16.93
CA PRO D 153 5.67 26.83 16.51
C PRO D 153 6.00 27.03 15.02
N GLY D 154 6.21 25.98 14.24
CA GLY D 154 6.65 26.20 12.87
C GLY D 154 5.54 26.18 11.84
N ILE D 155 4.30 26.37 12.28
CA ILE D 155 3.11 26.14 11.45
C ILE D 155 2.33 27.44 11.23
N GLU D 156 1.92 27.67 10.00
CA GLU D 156 1.07 28.80 9.71
C GLU D 156 -0.35 28.30 9.54
N ILE D 157 -1.27 28.98 10.21
CA ILE D 157 -2.68 28.70 10.10
C ILE D 157 -3.24 29.91 9.40
N VAL D 158 -3.83 29.71 8.22
CA VAL D 158 -4.50 30.80 7.49
C VAL D 158 -5.99 30.57 7.50
N ASN D 159 -6.76 31.58 7.91
CA ASN D 159 -8.23 31.51 7.82
C ASN D 159 -8.72 31.84 6.39
N ILE D 160 -9.31 30.87 5.70
CA ILE D 160 -9.69 31.03 4.27
C ILE D 160 -11.21 31.25 4.02
N ALA D 161 -12.06 30.73 4.89
CA ALA D 161 -13.50 30.95 4.79
C ALA D 161 -14.19 31.11 6.16
N GLN D 162 -15.38 31.70 6.14
CA GLN D 162 -16.18 31.94 7.34
C GLN D 162 -17.62 31.60 6.99
N GLU D 163 -18.14 30.49 7.49
CA GLU D 163 -19.44 29.94 7.04
C GLU D 163 -20.58 30.01 8.04
N ASP D 164 -21.77 30.20 7.50
CA ASP D 164 -23.04 30.08 8.25
C ASP D 164 -23.32 28.63 8.67
N LEU D 165 -24.30 28.49 9.55
CA LEU D 165 -24.68 27.18 10.06
C LEU D 165 -26.12 26.90 9.69
N TYR D 166 -26.38 25.68 9.26
CA TYR D 166 -27.74 25.27 8.94
C TYR D 166 -28.18 24.06 9.76
N LEU D 167 -29.45 24.04 10.14
CA LEU D 167 -30.10 22.84 10.67
C LEU D 167 -30.46 21.92 9.50
N ALA D 168 -30.19 20.63 9.66
CA ALA D 168 -30.52 19.60 8.68
C ALA D 168 -31.51 18.58 9.27
N VAL D 169 -32.61 18.35 8.54
CA VAL D 169 -33.69 17.49 9.00
C VAL D 169 -34.14 16.59 7.87
N HIS D 170 -34.71 15.43 8.20
CA HIS D 170 -35.26 14.59 7.16
C HIS D 170 -36.27 15.44 6.39
N ARG D 171 -36.41 15.20 5.08
CA ARG D 171 -37.36 15.94 4.21
C ARG D 171 -38.76 16.10 4.86
N SER D 172 -39.22 15.05 5.52
CA SER D 172 -40.53 14.98 6.14
C SER D 172 -40.75 15.98 7.26
N GLN D 173 -39.67 16.48 7.86
CA GLN D 173 -39.79 17.45 8.94
C GLN D 173 -39.56 18.86 8.44
N SER D 174 -39.60 19.09 7.12
CA SER D 174 -39.16 20.37 6.58
C SER D 174 -40.04 21.50 7.04
N GLY D 175 -41.35 21.30 7.02
CA GLY D 175 -42.31 22.33 7.39
C GLY D 175 -42.26 22.76 8.83
N LYS D 176 -41.73 21.91 9.70
CA LYS D 176 -41.58 22.26 11.13
C LYS D 176 -40.68 23.47 11.42
N PHE D 177 -39.69 23.77 10.57
CA PHE D 177 -38.72 24.85 10.84
C PHE D 177 -38.67 25.95 9.79
N GLY D 178 -39.13 25.64 8.57
CA GLY D 178 -39.10 26.60 7.49
C GLY D 178 -37.69 26.71 6.93
N LYS D 179 -37.35 27.87 6.39
CA LYS D 179 -36.06 28.07 5.74
C LYS D 179 -35.05 28.79 6.62
N THR D 180 -35.50 29.27 7.78
CA THR D 180 -34.62 29.84 8.78
C THR D 180 -35.10 29.47 10.16
N CYS D 181 -34.18 29.39 11.11
CA CYS D 181 -34.53 29.17 12.52
C CYS D 181 -33.51 29.81 13.47
N LYS D 182 -33.86 29.89 14.74
CA LYS D 182 -33.00 30.41 15.80
C LYS D 182 -32.70 29.27 16.72
N LEU D 183 -31.64 29.40 17.49
CA LEU D 183 -31.23 28.37 18.42
C LEU D 183 -32.37 27.97 19.36
N ALA D 184 -33.13 28.95 19.81
CA ALA D 184 -34.26 28.71 20.70
C ALA D 184 -35.31 27.78 20.10
N ASP D 185 -35.44 27.77 18.77
CA ASP D 185 -36.31 26.81 18.06
C ASP D 185 -35.83 25.35 18.10
N LEU D 186 -34.61 25.14 18.56
CA LEU D 186 -33.94 23.85 18.49
C LEU D 186 -33.85 23.18 19.86
N ARG D 187 -34.40 23.82 20.89
CA ARG D 187 -34.24 23.31 22.26
C ARG D 187 -34.98 21.98 22.54
N ALA D 188 -35.99 21.64 21.75
CA ALA D 188 -36.65 20.32 21.87
C ALA D 188 -36.17 19.33 20.81
N VAL D 189 -35.21 19.73 20.00
CA VAL D 189 -34.78 18.91 18.90
C VAL D 189 -33.58 18.09 19.32
N GLU D 190 -33.66 16.80 19.06
CA GLU D 190 -32.59 15.86 19.35
C GLU D 190 -31.52 15.94 18.27
N LEU D 191 -30.37 16.50 18.65
CA LEU D 191 -29.28 16.77 17.75
C LEU D 191 -28.15 15.73 17.77
N THR D 192 -27.61 15.49 16.58
CA THR D 192 -26.46 14.64 16.35
C THR D 192 -25.30 15.55 16.00
N LEU D 193 -24.22 15.45 16.77
CA LEU D 193 -23.07 16.31 16.54
C LEU D 193 -21.97 15.50 15.87
N PHE D 194 -20.97 16.20 15.35
CA PHE D 194 -19.82 15.56 14.70
C PHE D 194 -18.71 16.60 14.51
N PRO D 195 -17.47 16.17 14.36
CA PRO D 195 -17.04 14.80 14.58
C PRO D 195 -16.66 14.63 16.04
N ARG D 196 -16.44 13.40 16.46
CA ARG D 196 -15.69 13.18 17.69
C ARG D 196 -14.28 12.99 17.17
N GLY D 197 -13.30 13.40 17.95
CA GLY D 197 -11.94 13.26 17.48
C GLY D 197 -11.16 14.52 17.73
N GLY D 198 -10.82 15.27 16.69
CA GLY D 198 -9.85 16.33 16.82
C GLY D 198 -10.39 17.53 17.58
N ARG D 199 -10.52 17.38 18.90
CA ARG D 199 -11.21 18.34 19.74
C ARG D 199 -10.24 19.37 20.29
N PRO D 200 -10.60 20.66 20.36
CA PRO D 200 -11.91 21.20 19.93
C PRO D 200 -12.20 21.11 18.44
N SER D 201 -13.45 20.74 18.14
CA SER D 201 -13.91 20.44 16.79
C SER D 201 -15.22 21.14 16.48
N PHE D 202 -15.76 20.93 15.28
CA PHE D 202 -17.08 21.45 14.97
C PHE D 202 -18.08 21.13 16.10
N ALA D 203 -17.93 19.97 16.75
CA ALA D 203 -18.79 19.58 17.85
C ALA D 203 -18.73 20.58 19.00
N ASP D 204 -17.54 20.98 19.43
CA ASP D 204 -17.38 22.06 20.41
C ASP D 204 -17.97 23.41 19.96
N GLU D 205 -17.90 23.66 18.66
CA GLU D 205 -18.42 24.87 18.13
C GLU D 205 -19.91 24.95 18.42
N VAL D 206 -20.62 23.84 18.22
CA VAL D 206 -22.07 23.80 18.36
C VAL D 206 -22.45 23.83 19.82
N ILE D 207 -21.75 23.05 20.63
CA ILE D 207 -21.94 23.07 22.08
C ILE D 207 -21.75 24.51 22.63
N GLY D 208 -20.75 25.20 22.10
CA GLY D 208 -20.42 26.55 22.51
C GLY D 208 -21.48 27.57 22.15
N LEU D 209 -22.07 27.39 20.96
CA LEU D 209 -23.12 28.29 20.46
C LEU D 209 -24.36 28.28 21.35
N PHE D 210 -24.67 27.11 21.93
CA PHE D 210 -25.77 27.00 22.87
C PHE D 210 -25.36 27.54 24.24
N LYS D 211 -24.11 27.32 24.64
CA LYS D 211 -23.66 27.78 25.94
C LYS D 211 -23.79 29.30 25.98
N HIS D 212 -23.42 29.95 24.88
CA HIS D 212 -23.43 31.40 24.71
C HIS D 212 -24.85 31.95 24.65
N ALA D 213 -25.79 31.18 24.10
CA ALA D 213 -27.19 31.64 24.09
C ALA D 213 -27.95 31.20 25.36
N GLY D 214 -27.29 30.54 26.29
CA GLY D 214 -27.89 30.13 27.55
C GLY D 214 -28.98 29.09 27.36
N ILE D 215 -28.83 28.25 26.34
CA ILE D 215 -29.80 27.22 25.99
C ILE D 215 -29.15 25.86 26.10
N GLU D 216 -29.88 24.94 26.72
CA GLU D 216 -29.38 23.57 26.91
C GLU D 216 -29.82 22.76 25.72
N PRO D 217 -28.87 22.22 24.96
CA PRO D 217 -29.21 21.40 23.79
C PRO D 217 -29.49 19.94 24.14
N ARG D 218 -30.44 19.28 23.48
CA ARG D 218 -30.57 17.82 23.57
C ARG D 218 -29.54 17.14 22.65
N ILE D 219 -28.43 16.64 23.19
CA ILE D 219 -27.44 15.88 22.43
C ILE D 219 -27.77 14.40 22.45
N ALA D 220 -28.45 13.93 21.41
CA ALA D 220 -28.76 12.52 21.20
C ALA D 220 -27.51 11.70 20.84
N ARG D 221 -26.63 12.28 20.02
CA ARG D 221 -25.39 11.59 19.65
C ARG D 221 -24.26 12.47 19.19
N VAL D 222 -23.06 11.88 19.23
CA VAL D 222 -21.85 12.46 18.65
C VAL D 222 -21.29 11.37 17.78
N VAL D 223 -21.20 11.59 16.47
CA VAL D 223 -20.84 10.54 15.50
C VAL D 223 -19.53 10.87 14.78
N GLU D 224 -18.99 9.93 14.02
CA GLU D 224 -17.59 10.04 13.67
C GLU D 224 -17.32 11.26 12.85
N ASP D 225 -18.11 11.49 11.80
CA ASP D 225 -17.93 12.64 10.89
C ASP D 225 -19.27 13.08 10.28
N ALA D 226 -19.23 14.05 9.36
CA ALA D 226 -20.43 14.52 8.69
C ALA D 226 -21.18 13.43 7.89
N THR D 227 -20.45 12.52 7.23
CA THR D 227 -21.06 11.45 6.48
C THR D 227 -22.03 10.66 7.32
N ALA D 228 -21.64 10.28 8.52
CA ALA D 228 -22.53 9.54 9.41
C ALA D 228 -23.72 10.40 9.80
N ALA D 229 -23.46 11.66 10.15
CA ALA D 229 -24.53 12.57 10.54
C ALA D 229 -25.58 12.77 9.46
N LEU D 230 -25.15 12.90 8.20
CA LEU D 230 -26.07 13.07 7.08
C LEU D 230 -26.81 11.80 6.73
N ALA D 231 -26.17 10.65 6.88
CA ALA D 231 -26.80 9.39 6.61
C ALA D 231 -27.96 9.12 7.57
N LEU D 232 -27.75 9.42 8.85
CA LEU D 232 -28.76 9.21 9.86
C LEU D 232 -29.86 10.22 9.58
N THR D 233 -29.50 11.41 9.12
CA THR D 233 -30.51 12.40 8.84
C THR D 233 -31.37 11.95 7.64
N MET D 234 -30.71 11.43 6.61
CA MET D 234 -31.38 10.95 5.43
C MET D 234 -32.25 9.76 5.77
N ALA D 235 -31.87 8.97 6.76
CA ALA D 235 -32.66 7.81 7.15
C ALA D 235 -33.87 8.15 8.04
N GLY D 236 -34.11 9.43 8.27
CA GLY D 236 -35.16 9.85 9.19
C GLY D 236 -34.83 9.67 10.67
N ALA D 237 -33.59 9.32 10.97
CA ALA D 237 -33.18 8.94 12.32
C ALA D 237 -32.44 10.04 13.07
N ALA D 238 -32.44 11.26 12.56
CA ALA D 238 -31.65 12.31 13.20
C ALA D 238 -31.96 13.69 12.67
N SER D 239 -31.52 14.67 13.43
CA SER D 239 -31.35 16.04 12.98
C SER D 239 -29.93 16.47 13.30
N SER D 240 -29.41 17.43 12.56
CA SER D 240 -28.04 17.87 12.78
C SER D 240 -27.87 19.35 12.50
N ILE D 241 -26.76 19.90 12.99
CA ILE D 241 -26.34 21.22 12.56
C ILE D 241 -25.11 21.02 11.70
N VAL D 242 -25.07 21.72 10.59
CA VAL D 242 -24.03 21.50 9.58
C VAL D 242 -23.47 22.84 9.06
N PRO D 243 -22.25 22.89 8.57
CA PRO D 243 -21.80 24.11 7.90
C PRO D 243 -22.51 24.34 6.56
N ALA D 244 -22.39 25.55 6.07
CA ALA D 244 -22.92 25.98 4.75
C ALA D 244 -22.46 25.08 3.60
N SER D 245 -21.16 24.83 3.50
CA SER D 245 -20.61 23.89 2.51
C SER D 245 -21.51 22.64 2.33
N VAL D 246 -22.02 22.07 3.40
CA VAL D 246 -22.91 20.90 3.31
C VAL D 246 -24.32 21.26 2.86
N ALA D 247 -24.87 22.35 3.41
CA ALA D 247 -26.22 22.83 3.07
C ALA D 247 -26.38 23.32 1.63
N ALA D 248 -25.29 23.74 0.98
CA ALA D 248 -25.29 24.24 -0.41
C ALA D 248 -25.60 23.15 -1.43
N ILE D 249 -25.35 21.91 -1.03
CA ILE D 249 -25.44 20.74 -1.88
C ILE D 249 -26.82 20.19 -1.69
N ARG D 250 -27.48 19.80 -2.78
CA ARG D 250 -28.79 19.18 -2.72
C ARG D 250 -28.63 17.72 -2.30
N TRP D 251 -29.21 17.31 -1.16
CA TRP D 251 -29.13 15.92 -0.67
C TRP D 251 -30.51 15.32 -0.70
N PRO D 252 -30.74 14.25 -1.45
CA PRO D 252 -32.04 13.59 -1.40
C PRO D 252 -32.54 13.43 0.04
N ASP D 253 -33.78 13.88 0.30
CA ASP D 253 -34.46 13.66 1.57
C ASP D 253 -33.86 14.43 2.76
N ILE D 254 -33.06 15.47 2.49
CA ILE D 254 -32.58 16.34 3.57
C ILE D 254 -32.96 17.78 3.26
N ALA D 255 -33.48 18.47 4.25
CA ALA D 255 -33.85 19.87 4.16
C ALA D 255 -32.92 20.66 5.08
N PHE D 256 -32.67 21.92 4.72
CA PHE D 256 -31.75 22.77 5.49
C PHE D 256 -32.42 24.09 5.84
N ALA D 257 -32.32 24.47 7.11
CA ALA D 257 -32.82 25.74 7.61
C ALA D 257 -31.64 26.54 8.13
N ARG D 258 -31.32 27.67 7.50
CA ARG D 258 -30.26 28.55 7.98
C ARG D 258 -30.51 29.00 9.42
N ILE D 259 -29.50 28.84 10.27
CA ILE D 259 -29.54 29.38 11.62
C ILE D 259 -29.13 30.86 11.55
N VAL D 260 -30.11 31.73 11.84
CA VAL D 260 -29.95 33.19 11.95
C VAL D 260 -29.93 33.59 13.43
N GLY D 261 -29.98 34.87 13.75
CA GLY D 261 -29.61 35.28 15.09
C GLY D 261 -28.09 35.30 15.18
N THR D 262 -27.45 35.46 14.00
CA THR D 262 -26.21 36.24 13.78
C THR D 262 -24.95 35.89 14.59
N ARG D 263 -23.89 36.69 14.33
CA ARG D 263 -22.57 36.67 14.97
C ARG D 263 -21.94 35.29 15.04
N VAL D 264 -22.20 34.50 14.01
CA VAL D 264 -22.02 33.06 14.04
C VAL D 264 -21.35 32.73 12.73
N LYS D 265 -20.02 32.67 12.72
CA LYS D 265 -19.33 32.22 11.52
C LYS D 265 -18.24 31.23 11.89
N VAL D 266 -18.32 30.02 11.31
CA VAL D 266 -17.37 28.97 11.64
C VAL D 266 -16.24 29.07 10.65
N PRO D 267 -15.02 29.13 11.15
CA PRO D 267 -13.84 29.23 10.27
C PRO D 267 -13.46 27.94 9.57
N ILE D 268 -12.73 28.08 8.48
CA ILE D 268 -12.00 26.99 7.86
C ILE D 268 -10.59 27.44 7.72
N SER D 269 -9.67 26.60 8.19
CA SER D 269 -8.28 26.92 8.29
C SER D 269 -7.46 26.03 7.36
N CYS D 270 -6.53 26.63 6.68
CA CYS D 270 -5.55 25.93 5.90
C CYS D 270 -4.25 25.99 6.69
N ILE D 271 -3.46 24.93 6.66
CA ILE D 271 -2.20 24.99 7.41
C ILE D 271 -1.02 24.39 6.68
N PHE D 272 0.18 24.88 7.01
CA PHE D 272 1.42 24.45 6.38
C PHE D 272 2.66 25.00 7.13
N ARG D 273 3.81 24.34 6.97
CA ARG D 273 5.05 24.82 7.56
C ARG D 273 5.41 26.16 6.97
N LYS D 274 5.89 27.08 7.80
CA LYS D 274 6.36 28.38 7.29
C LYS D 274 7.73 28.27 6.59
N GLU D 275 8.63 27.46 7.16
CA GLU D 275 10.05 27.38 6.72
C GLU D 275 10.29 26.30 5.64
N LYS D 276 11.17 26.56 4.70
CA LYS D 276 11.59 25.58 3.68
C LYS D 276 10.46 25.00 2.82
N GLN D 277 9.54 25.86 2.38
CA GLN D 277 8.44 25.41 1.56
C GLN D 277 9.01 24.93 0.24
N PRO D 278 8.66 23.73 -0.20
CA PRO D 278 9.02 23.31 -1.57
C PRO D 278 8.36 24.22 -2.59
N PRO D 279 8.94 24.35 -3.78
CA PRO D 279 8.32 25.13 -4.86
C PRO D 279 6.83 24.83 -5.13
N ILE D 280 6.42 23.56 -5.08
CA ILE D 280 5.03 23.20 -5.35
C ILE D 280 4.07 23.70 -4.27
N LEU D 281 4.54 23.75 -3.01
CA LEU D 281 3.77 24.34 -1.92
C LEU D 281 3.76 25.86 -1.96
N ALA D 282 4.92 26.47 -2.19
CA ALA D 282 5.00 27.93 -2.29
C ALA D 282 3.97 28.40 -3.30
N ARG D 283 3.83 27.62 -4.37
CA ARG D 283 2.89 27.94 -5.39
C ARG D 283 1.46 27.84 -4.93
N PHE D 284 1.13 26.76 -4.22
CA PHE D 284 -0.23 26.58 -3.72
C PHE D 284 -0.57 27.68 -2.73
N VAL D 285 0.43 28.11 -1.98
CA VAL D 285 0.27 29.12 -0.95
C VAL D 285 -0.20 30.43 -1.58
N GLU D 286 0.21 30.70 -2.81
CA GLU D 286 -0.24 31.90 -3.51
C GLU D 286 -1.76 31.96 -3.49
N HIS D 287 -2.41 30.86 -3.86
CA HIS D 287 -3.88 30.78 -3.88
C HIS D 287 -4.53 30.79 -2.52
N VAL D 288 -3.85 30.21 -1.53
CA VAL D 288 -4.31 30.16 -0.14
C VAL D 288 -4.42 31.53 0.43
N ARG D 289 -3.43 32.35 0.14
CA ARG D 289 -3.34 33.70 0.66
C ARG D 289 -4.41 34.58 0.01
N ARG D 290 -4.59 34.39 -1.29
CA ARG D 290 -5.62 35.09 -2.06
C ARG D 290 -7.01 34.71 -1.58
N SER D 291 -7.14 33.56 -0.93
CA SER D 291 -8.43 33.11 -0.38
C SER D 291 -8.72 33.66 1.02
N ALA D 292 -7.66 33.98 1.77
CA ALA D 292 -7.79 34.57 3.09
C ALA D 292 -8.43 35.97 3.02
#